data_6F35
#
_entry.id   6F35
#
_cell.length_a   72.200
_cell.length_b   117.280
_cell.length_c   127.300
_cell.angle_alpha   90.00
_cell.angle_beta   90.00
_cell.angle_gamma   90.00
#
_symmetry.space_group_name_H-M   'P 21 21 2'
#
loop_
_entity.id
_entity.type
_entity.pdbx_description
1 polymer 'Aspartate aminotransferase B'
2 non-polymer "PYRIDOXAL-5'-PHOSPHATE"
3 non-polymer 'ACETATE ION'
4 non-polymer GLYCEROL
5 water water
#
_entity_poly.entity_id   1
_entity_poly.type   'polypeptide(L)'
_entity_poly.pdbx_seq_one_letter_code
;MTINATVKEAGFQPASRISSIGVSEILKIGARAAAMKREGKPVIILGAGEPDFDTPEHVKQAASDAIHRGETKYTALDGT
PELKKAIREKFQRENGLAYELDEITVATGAKQILFNAMMASLDPGDEVIIPTPYWTSYSDIVHICEGKPVLIACDASSGF
RLTAEKLEAAITPRTRWVLLNSPSNPSGAAYSAADYRPLLEVLLRHPHVWLLVDDMYEHIVYDGFRFVTPAQLEPGLKNR
TLTVNGVSKAYAMTGWRIGYAGGPRELIKAMAVVQSQATSCPSSISQAASVVALNGPQDFLKERTESFQRRRDLVVNGLN
AIDGLDCRVPEGAFYTFSGCAGVLGKVTPSGKRIKTDTDFCAYLLEDAHVAVVPGSAFGLSPFFRISYATSEAELKEALE
RIAAACDRLS
;
_entity_poly.pdbx_strand_id   A,B
#
# COMPACT_ATOMS: atom_id res chain seq x y z
N GLY A 11 2.08 -24.29 -13.97
CA GLY A 11 3.01 -23.70 -12.99
C GLY A 11 3.02 -22.17 -13.07
N PHE A 12 3.28 -21.51 -11.94
CA PHE A 12 3.18 -20.05 -11.90
C PHE A 12 4.38 -19.40 -12.59
N GLN A 13 4.11 -18.44 -13.47
CA GLN A 13 5.16 -17.68 -14.12
C GLN A 13 5.18 -16.25 -13.59
N PRO A 14 6.16 -15.84 -12.79
CA PRO A 14 6.19 -14.46 -12.29
C PRO A 14 6.37 -13.44 -13.41
N ALA A 15 5.89 -12.22 -13.15
CA ALA A 15 6.02 -11.13 -14.11
C ALA A 15 7.49 -10.73 -14.30
N SER A 16 7.80 -10.27 -15.52
CA SER A 16 9.16 -9.84 -15.83
CA SER A 16 9.17 -9.84 -15.82
C SER A 16 9.62 -8.70 -14.91
N ARG A 17 8.68 -7.86 -14.44
CA ARG A 17 9.08 -6.70 -13.65
C ARG A 17 9.72 -7.04 -12.32
N ILE A 18 9.62 -8.26 -11.83
CA ILE A 18 10.33 -8.62 -10.61
C ILE A 18 11.55 -9.49 -10.89
N SER A 19 11.92 -9.66 -12.16
CA SER A 19 12.99 -10.60 -12.51
C SER A 19 14.36 -10.16 -12.00
N SER A 20 14.57 -8.87 -11.75
CA SER A 20 15.86 -8.39 -11.24
C SER A 20 15.92 -8.30 -9.73
N ILE A 21 14.86 -8.64 -9.01
CA ILE A 21 14.83 -8.52 -7.55
C ILE A 21 15.15 -9.89 -6.97
N GLY A 22 16.27 -9.97 -6.25
CA GLY A 22 16.72 -11.19 -5.62
C GLY A 22 16.53 -11.17 -4.12
N VAL A 23 17.23 -12.06 -3.44
CA VAL A 23 17.17 -12.12 -1.98
C VAL A 23 18.32 -11.29 -1.43
N SER A 24 18.02 -10.46 -0.44
CA SER A 24 19.04 -9.57 0.11
C SER A 24 20.01 -10.33 0.98
N GLU A 25 21.30 -10.01 0.83
CA GLU A 25 22.31 -10.60 1.69
C GLU A 25 22.05 -10.28 3.17
N ILE A 26 21.42 -9.13 3.44
CA ILE A 26 21.06 -8.81 4.83
C ILE A 26 20.13 -9.88 5.40
N LEU A 27 19.13 -10.30 4.61
CA LEU A 27 18.19 -11.33 5.08
C LEU A 27 18.89 -12.67 5.25
N LYS A 28 19.81 -13.01 4.34
CA LYS A 28 20.55 -14.26 4.49
C LYS A 28 21.39 -14.26 5.76
N ILE A 29 22.01 -13.12 6.08
CA ILE A 29 22.81 -13.02 7.30
C ILE A 29 21.91 -13.15 8.53
N GLY A 30 20.80 -12.41 8.53
CA GLY A 30 19.85 -12.51 9.64
C GLY A 30 19.34 -13.92 9.84
N ALA A 31 19.05 -14.63 8.74
CA ALA A 31 18.56 -15.99 8.85
C ALA A 31 19.61 -16.91 9.46
N ARG A 32 20.87 -16.79 9.03
CA ARG A 32 21.92 -17.63 9.59
C ARG A 32 22.17 -17.28 11.06
N ALA A 33 22.22 -15.99 11.39
CA ALA A 33 22.34 -15.60 12.80
C ALA A 33 21.17 -16.16 13.61
N ALA A 34 19.96 -16.09 13.07
CA ALA A 34 18.79 -16.60 13.79
C ALA A 34 18.88 -18.10 14.01
N ALA A 35 19.37 -18.84 13.03
CA ALA A 35 19.52 -20.29 13.19
C ALA A 35 20.54 -20.62 14.27
N MET A 36 21.64 -19.86 14.32
CA MET A 36 22.66 -20.10 15.34
C MET A 36 22.10 -19.89 16.74
N LYS A 37 21.26 -18.86 16.91
CA LYS A 37 20.64 -18.63 18.22
C LYS A 37 19.72 -19.79 18.60
N ARG A 38 18.99 -20.34 17.63
CA ARG A 38 18.18 -21.53 17.90
C ARG A 38 19.05 -22.68 18.36
N GLU A 39 20.27 -22.78 17.83
CA GLU A 39 21.24 -23.79 18.24
C GLU A 39 21.88 -23.51 19.58
N GLY A 40 21.54 -22.40 20.23
CA GLY A 40 22.12 -22.09 21.52
C GLY A 40 23.40 -21.29 21.44
N LYS A 41 23.76 -20.78 20.27
CA LYS A 41 24.89 -19.88 20.15
C LYS A 41 24.34 -18.46 20.29
N PRO A 42 24.65 -17.75 21.37
CA PRO A 42 23.98 -16.46 21.67
C PRO A 42 24.50 -15.32 20.82
N VAL A 43 24.21 -15.40 19.52
CA VAL A 43 24.65 -14.36 18.59
C VAL A 43 23.93 -13.06 18.91
N ILE A 44 24.66 -11.96 18.91
CA ILE A 44 24.11 -10.62 18.98
C ILE A 44 23.98 -10.11 17.56
N ILE A 45 22.75 -9.84 17.12
CA ILE A 45 22.46 -9.38 15.77
C ILE A 45 22.32 -7.87 15.82
N LEU A 46 23.26 -7.16 15.19
CA LEU A 46 23.26 -5.70 15.20
C LEU A 46 22.65 -5.17 13.91
N GLY A 47 21.36 -5.46 13.71
CA GLY A 47 20.67 -5.13 12.48
C GLY A 47 19.31 -4.47 12.64
N ALA A 48 19.03 -3.90 13.81
CA ALA A 48 17.71 -3.31 14.03
C ALA A 48 17.44 -2.19 13.04
N GLY A 49 16.30 -2.25 12.36
CA GLY A 49 15.89 -1.22 11.43
C GLY A 49 14.78 -0.34 11.95
N GLU A 50 14.44 -0.41 13.23
CA GLU A 50 13.45 0.46 13.83
C GLU A 50 13.97 0.88 15.20
N PRO A 51 13.58 2.05 15.69
CA PRO A 51 14.10 2.50 16.98
C PRO A 51 13.58 1.63 18.11
N ASP A 52 14.41 1.44 19.14
CA ASP A 52 13.98 0.64 20.28
C ASP A 52 13.37 1.52 21.37
N PHE A 53 12.42 2.35 20.95
CA PHE A 53 11.48 3.03 21.82
C PHE A 53 10.07 2.64 21.39
N ASP A 54 9.06 2.94 22.23
CA ASP A 54 7.67 2.68 21.86
C ASP A 54 7.03 3.95 21.33
N THR A 55 5.92 3.77 20.62
CA THR A 55 5.09 4.90 20.24
C THR A 55 4.76 5.73 21.47
N PRO A 56 4.88 7.05 21.41
CA PRO A 56 4.56 7.88 22.58
C PRO A 56 3.15 7.65 23.09
N GLU A 57 3.00 7.76 24.42
CA GLU A 57 1.71 7.46 25.04
C GLU A 57 0.60 8.35 24.50
N HIS A 58 0.87 9.65 24.34
CA HIS A 58 -0.19 10.53 23.85
C HIS A 58 -0.59 10.19 22.41
N VAL A 59 0.34 9.66 21.61
CA VAL A 59 -0.02 9.18 20.28
C VAL A 59 -0.86 7.92 20.37
N LYS A 60 -0.51 7.01 21.27
CA LYS A 60 -1.34 5.83 21.49
C LYS A 60 -2.76 6.22 21.87
N GLN A 61 -2.89 7.19 22.78
CA GLN A 61 -4.22 7.59 23.26
C GLN A 61 -5.05 8.19 22.14
N ALA A 62 -4.42 8.97 21.26
CA ALA A 62 -5.14 9.55 20.13
C ALA A 62 -5.68 8.46 19.21
N ALA A 63 -4.90 7.39 19.01
CA ALA A 63 -5.37 6.27 18.22
C ALA A 63 -6.57 5.60 18.88
N SER A 64 -6.49 5.31 20.17
CA SER A 64 -7.60 4.66 20.87
CA SER A 64 -7.60 4.67 20.86
C SER A 64 -8.83 5.56 20.87
N ASP A 65 -8.64 6.88 21.01
CA ASP A 65 -9.76 7.80 20.95
C ASP A 65 -10.43 7.78 19.58
N ALA A 66 -9.62 7.76 18.52
CA ALA A 66 -10.17 7.74 17.17
C ALA A 66 -10.93 6.44 16.91
N ILE A 67 -10.41 5.31 17.39
CA ILE A 67 -11.14 4.05 17.31
C ILE A 67 -12.49 4.19 18.01
N HIS A 68 -12.49 4.72 19.22
CA HIS A 68 -13.72 4.82 19.99
C HIS A 68 -14.72 5.76 19.30
N ARG A 69 -14.22 6.82 18.66
CA ARG A 69 -15.10 7.75 17.96
C ARG A 69 -15.69 7.18 16.67
N GLY A 70 -15.14 6.08 16.16
CA GLY A 70 -15.63 5.50 14.92
C GLY A 70 -14.93 5.98 13.67
N GLU A 71 -13.68 6.44 13.77
CA GLU A 71 -12.92 6.85 12.59
C GLU A 71 -12.35 5.60 11.90
N THR A 72 -13.29 4.75 11.46
CA THR A 72 -13.00 3.42 10.93
C THR A 72 -13.42 3.29 9.47
N LYS A 73 -13.67 4.40 8.79
CA LYS A 73 -14.15 4.44 7.42
C LYS A 73 -13.02 4.82 6.47
N TYR A 74 -13.26 4.60 5.16
CA TYR A 74 -12.35 5.12 4.16
C TYR A 74 -12.17 6.62 4.36
N THR A 75 -10.93 7.10 4.22
CA THR A 75 -10.65 8.52 4.22
C THR A 75 -10.47 8.99 2.77
N ALA A 76 -10.25 10.30 2.62
CA ALA A 76 -9.73 10.81 1.36
C ALA A 76 -8.55 9.96 0.91
N LEU A 77 -8.45 9.75 -0.40
CA LEU A 77 -7.52 8.77 -0.96
C LEU A 77 -6.10 9.00 -0.48
N ASP A 78 -5.65 10.25 -0.47
CA ASP A 78 -4.26 10.52 -0.10
C ASP A 78 -4.15 11.32 1.20
N GLY A 79 -5.09 11.11 2.12
CA GLY A 79 -4.94 11.61 3.48
C GLY A 79 -6.07 12.50 3.92
N THR A 80 -6.48 12.38 5.19
CA THR A 80 -7.52 13.26 5.72
C THR A 80 -7.07 14.71 5.66
N PRO A 81 -8.01 15.65 5.56
CA PRO A 81 -7.62 17.07 5.63
C PRO A 81 -6.89 17.41 6.92
N GLU A 82 -7.26 16.78 8.03
CA GLU A 82 -6.59 17.05 9.30
C GLU A 82 -5.13 16.63 9.26
N LEU A 83 -4.85 15.44 8.73
CA LEU A 83 -3.46 15.00 8.66
C LEU A 83 -2.68 15.83 7.65
N LYS A 84 -3.28 16.17 6.50
CA LYS A 84 -2.57 17.01 5.54
CA LYS A 84 -2.60 17.03 5.53
C LYS A 84 -2.26 18.38 6.14
N LYS A 85 -3.17 18.93 6.96
CA LYS A 85 -2.90 20.20 7.62
CA LYS A 85 -2.89 20.20 7.62
C LYS A 85 -1.78 20.06 8.64
N ALA A 86 -1.75 18.93 9.37
CA ALA A 86 -0.67 18.72 10.33
C ALA A 86 0.67 18.58 9.62
N ILE A 87 0.68 17.91 8.47
CA ILE A 87 1.90 17.79 7.67
C ILE A 87 2.33 19.15 7.12
N ARG A 88 1.38 19.94 6.62
CA ARG A 88 1.69 21.28 6.14
C ARG A 88 2.37 22.11 7.21
N GLU A 89 1.86 22.05 8.45
CA GLU A 89 2.45 22.81 9.54
C GLU A 89 3.82 22.27 9.92
N LYS A 90 3.99 20.94 9.88
CA LYS A 90 5.30 20.37 10.16
C LYS A 90 6.35 20.88 9.18
N PHE A 91 6.03 20.88 7.88
CA PHE A 91 6.99 21.34 6.88
C PHE A 91 7.34 22.81 7.10
N GLN A 92 6.35 23.63 7.41
CA GLN A 92 6.62 25.04 7.67
C GLN A 92 7.40 25.23 8.95
N ARG A 93 6.92 24.63 10.05
CA ARG A 93 7.53 24.86 11.35
C ARG A 93 8.93 24.27 11.44
N GLU A 94 9.10 23.04 10.94
CA GLU A 94 10.36 22.34 11.14
C GLU A 94 11.36 22.58 10.01
N ASN A 95 10.88 22.73 8.78
CA ASN A 95 11.76 22.83 7.63
C ASN A 95 11.64 24.14 6.85
N GLY A 96 10.85 25.10 7.31
CA GLY A 96 10.71 26.35 6.58
C GLY A 96 10.20 26.17 5.17
N LEU A 97 9.47 25.08 4.92
CA LEU A 97 8.95 24.74 3.60
C LEU A 97 7.45 24.99 3.54
N ALA A 98 7.02 25.72 2.51
CA ALA A 98 5.62 26.05 2.32
C ALA A 98 5.05 25.14 1.23
N TYR A 99 4.17 24.23 1.62
CA TYR A 99 3.46 23.36 0.69
C TYR A 99 1.96 23.60 0.81
N GLU A 100 1.28 23.67 -0.33
CA GLU A 100 -0.18 23.75 -0.32
C GLU A 100 -0.79 22.38 -0.03
N LEU A 101 -2.09 22.37 0.27
CA LEU A 101 -2.75 21.09 0.56
C LEU A 101 -2.72 20.17 -0.66
N ASP A 102 -2.86 20.72 -1.87
CA ASP A 102 -2.78 19.86 -3.05
C ASP A 102 -1.35 19.48 -3.42
N GLU A 103 -0.36 19.90 -2.61
CA GLU A 103 1.02 19.46 -2.76
C GLU A 103 1.44 18.43 -1.72
N ILE A 104 0.51 17.92 -0.93
CA ILE A 104 0.82 16.99 0.16
C ILE A 104 0.12 15.66 -0.08
N THR A 105 0.81 14.55 0.20
CA THR A 105 0.22 13.23 0.04
C THR A 105 0.62 12.35 1.22
N VAL A 106 -0.27 11.41 1.55
CA VAL A 106 -0.08 10.46 2.65
C VAL A 106 -0.25 9.05 2.12
N ALA A 107 0.63 8.13 2.53
CA ALA A 107 0.63 6.78 1.99
C ALA A 107 0.93 5.77 3.09
N THR A 108 0.91 4.49 2.73
CA THR A 108 1.13 3.42 3.70
C THR A 108 2.65 3.28 3.86
N GLY A 109 3.19 4.09 4.78
CA GLY A 109 4.61 4.18 5.00
C GLY A 109 5.30 5.07 3.98
N ALA A 110 6.50 5.52 4.34
CA ALA A 110 7.36 6.19 3.36
C ALA A 110 7.75 5.23 2.25
N LYS A 111 7.78 3.93 2.54
CA LYS A 111 7.93 2.94 1.48
C LYS A 111 6.96 3.21 0.32
N GLN A 112 5.66 3.36 0.62
CA GLN A 112 4.73 3.58 -0.47
C GLN A 112 4.89 4.95 -1.12
N ILE A 113 5.32 5.97 -0.35
CA ILE A 113 5.61 7.26 -0.97
C ILE A 113 6.64 7.08 -2.08
N LEU A 114 7.74 6.38 -1.78
CA LEU A 114 8.80 6.15 -2.75
C LEU A 114 8.29 5.34 -3.93
N PHE A 115 7.54 4.28 -3.63
CA PHE A 115 6.98 3.41 -4.66
C PHE A 115 6.03 4.18 -5.57
N ASN A 116 5.08 4.91 -4.98
CA ASN A 116 4.14 5.70 -5.78
C ASN A 116 4.87 6.68 -6.69
N ALA A 117 5.89 7.35 -6.15
CA ALA A 117 6.60 8.35 -6.92
C ALA A 117 7.29 7.73 -8.13
N MET A 118 7.92 6.56 -7.94
CA MET A 118 8.58 5.89 -9.06
C MET A 118 7.56 5.31 -10.03
N MET A 119 6.48 4.68 -9.52
CA MET A 119 5.44 4.17 -10.41
C MET A 119 4.79 5.29 -11.23
N ALA A 120 4.66 6.47 -10.65
CA ALA A 120 3.99 7.59 -11.31
C ALA A 120 4.85 8.26 -12.38
N SER A 121 6.16 8.01 -12.37
CA SER A 121 7.09 8.76 -13.22
C SER A 121 7.90 7.91 -14.19
N LEU A 122 8.33 6.70 -13.80
CA LEU A 122 9.37 6.01 -14.57
C LEU A 122 8.78 5.25 -15.76
N ASP A 123 9.35 5.47 -16.94
CA ASP A 123 9.14 4.59 -18.08
C ASP A 123 10.31 3.62 -18.18
N PRO A 124 10.12 2.49 -18.87
CA PRO A 124 11.22 1.53 -19.01
C PRO A 124 12.50 2.18 -19.52
N GLY A 125 13.60 1.92 -18.81
CA GLY A 125 14.89 2.46 -19.18
C GLY A 125 15.23 3.80 -18.56
N ASP A 126 14.28 4.45 -17.87
CA ASP A 126 14.59 5.70 -17.20
C ASP A 126 15.56 5.46 -16.05
N GLU A 127 16.49 6.38 -15.85
CA GLU A 127 17.54 6.19 -14.86
C GLU A 127 17.27 6.95 -13.57
N VAL A 128 17.65 6.33 -12.45
CA VAL A 128 17.58 6.93 -11.12
C VAL A 128 18.98 6.84 -10.53
N ILE A 129 19.57 7.98 -10.20
CA ILE A 129 20.91 8.01 -9.63
C ILE A 129 20.80 7.68 -8.15
N ILE A 130 21.51 6.65 -7.72
CA ILE A 130 21.50 6.24 -6.32
C ILE A 130 22.92 6.29 -5.78
N PRO A 131 23.25 7.26 -4.95
CA PRO A 131 24.57 7.27 -4.31
C PRO A 131 24.74 6.03 -3.44
N THR A 132 25.91 5.43 -3.48
CA THR A 132 26.21 4.36 -2.55
C THR A 132 27.26 4.84 -1.55
N PRO A 133 27.41 4.16 -0.39
CA PRO A 133 26.73 2.97 0.14
C PRO A 133 25.24 3.17 0.21
N TYR A 134 24.48 2.15 -0.16
CA TYR A 134 23.03 2.28 -0.22
C TYR A 134 22.41 0.95 0.16
N TRP A 135 21.16 1.03 0.61
CA TRP A 135 20.35 -0.15 0.88
C TRP A 135 19.59 -0.54 -0.39
N THR A 136 19.73 -1.81 -0.79
CA THR A 136 19.20 -2.24 -2.09
C THR A 136 17.68 -2.14 -2.16
N SER A 137 17.02 -1.89 -1.03
CA SER A 137 15.58 -1.63 -1.05
C SER A 137 15.23 -0.53 -2.05
N TYR A 138 16.10 0.49 -2.17
CA TYR A 138 15.86 1.56 -3.13
C TYR A 138 15.94 1.05 -4.57
N SER A 139 16.96 0.26 -4.89
CA SER A 139 17.09 -0.18 -6.29
C SER A 139 16.04 -1.21 -6.64
N ASP A 140 15.59 -2.02 -5.68
CA ASP A 140 14.48 -2.94 -5.93
C ASP A 140 13.23 -2.18 -6.37
N ILE A 141 12.94 -1.04 -5.72
CA ILE A 141 11.78 -0.25 -6.11
C ILE A 141 11.95 0.24 -7.55
N VAL A 142 13.12 0.77 -7.87
CA VAL A 142 13.36 1.24 -9.22
C VAL A 142 13.19 0.10 -10.21
N HIS A 143 13.69 -1.10 -9.86
CA HIS A 143 13.57 -2.25 -10.76
C HIS A 143 12.12 -2.61 -11.02
N ILE A 144 11.28 -2.65 -9.98
CA ILE A 144 9.90 -3.11 -10.22
C ILE A 144 9.13 -2.09 -11.05
N CYS A 145 9.60 -0.84 -11.08
CA CYS A 145 9.04 0.20 -11.94
C CYS A 145 9.72 0.25 -13.30
N GLU A 146 10.55 -0.74 -13.62
CA GLU A 146 11.20 -0.93 -14.93
C GLU A 146 12.27 0.11 -15.20
N GLY A 147 12.74 0.83 -14.18
CA GLY A 147 13.81 1.79 -14.32
C GLY A 147 15.19 1.15 -14.20
N LYS A 148 16.20 1.98 -14.39
CA LYS A 148 17.60 1.54 -14.33
C LYS A 148 18.31 2.27 -13.19
N PRO A 149 18.63 1.58 -12.09
CA PRO A 149 19.43 2.21 -11.04
C PRO A 149 20.81 2.54 -11.56
N VAL A 150 21.27 3.76 -11.30
CA VAL A 150 22.62 4.20 -11.66
C VAL A 150 23.34 4.45 -10.35
N LEU A 151 24.23 3.54 -9.98
CA LEU A 151 24.89 3.55 -8.68
C LEU A 151 26.17 4.36 -8.74
N ILE A 152 26.35 5.27 -7.79
CA ILE A 152 27.50 6.17 -7.74
C ILE A 152 28.17 6.01 -6.38
N ALA A 153 29.34 5.36 -6.38
CA ALA A 153 30.01 5.07 -5.12
C ALA A 153 30.62 6.33 -4.52
N CYS A 154 30.34 6.58 -3.24
CA CYS A 154 30.86 7.72 -2.49
C CYS A 154 31.68 7.19 -1.32
N ASP A 155 33.01 7.26 -1.42
CA ASP A 155 33.84 6.58 -0.44
C ASP A 155 34.06 7.48 0.79
N ALA A 156 34.91 7.02 1.71
CA ALA A 156 35.10 7.74 2.95
C ALA A 156 35.74 9.11 2.73
N SER A 157 36.44 9.31 1.61
CA SER A 157 37.09 10.59 1.38
C SER A 157 36.10 11.73 1.23
N SER A 158 34.85 11.45 0.88
CA SER A 158 33.82 12.49 0.87
C SER A 158 32.78 12.25 1.95
N GLY A 159 33.14 11.52 3.01
CA GLY A 159 32.21 11.24 4.09
C GLY A 159 31.00 10.44 3.68
N PHE A 160 31.14 9.58 2.65
CA PHE A 160 30.04 8.80 2.09
C PHE A 160 28.96 9.68 1.46
N ARG A 161 29.34 10.87 1.01
CA ARG A 161 28.39 11.81 0.43
C ARG A 161 28.71 12.07 -1.03
N LEU A 162 27.67 12.36 -1.79
CA LEU A 162 27.83 12.64 -3.22
C LEU A 162 28.51 13.99 -3.40
N THR A 163 29.42 14.07 -4.39
CA THR A 163 30.11 15.30 -4.75
C THR A 163 29.56 15.87 -6.04
N ALA A 164 29.84 17.15 -6.28
CA ALA A 164 29.33 17.80 -7.48
C ALA A 164 29.87 17.12 -8.75
N GLU A 165 31.18 16.85 -8.78
CA GLU A 165 31.78 16.22 -9.96
CA GLU A 165 31.77 16.23 -9.96
C GLU A 165 31.14 14.88 -10.27
N LYS A 166 30.94 14.05 -9.25
CA LYS A 166 30.37 12.72 -9.49
C LYS A 166 28.91 12.81 -9.96
N LEU A 167 28.14 13.74 -9.40
CA LEU A 167 26.75 13.87 -9.84
C LEU A 167 26.68 14.38 -11.27
N GLU A 168 27.48 15.39 -11.59
CA GLU A 168 27.48 15.91 -12.95
C GLU A 168 27.88 14.82 -13.95
N ALA A 169 28.88 14.00 -13.60
CA ALA A 169 29.32 12.96 -14.52
C ALA A 169 28.26 11.88 -14.74
N ALA A 170 27.41 11.65 -13.73
CA ALA A 170 26.43 10.56 -13.77
C ALA A 170 25.14 10.91 -14.48
N ILE A 171 24.84 12.20 -14.62
CA ILE A 171 23.58 12.63 -15.22
C ILE A 171 23.63 12.34 -16.72
N THR A 172 22.57 11.75 -17.25
CA THR A 172 22.39 11.50 -18.68
C THR A 172 21.04 12.06 -19.07
N PRO A 173 20.73 12.09 -20.37
CA PRO A 173 19.36 12.46 -20.76
C PRO A 173 18.27 11.60 -20.12
N ARG A 174 18.54 10.33 -19.83
CA ARG A 174 17.53 9.45 -19.24
C ARG A 174 17.44 9.56 -17.72
N THR A 175 18.30 10.37 -17.09
CA THR A 175 18.20 10.55 -15.64
C THR A 175 16.88 11.23 -15.26
N ARG A 176 15.99 10.49 -14.60
CA ARG A 176 14.73 11.08 -14.15
C ARG A 176 14.81 11.62 -12.73
N TRP A 177 15.62 11.01 -11.88
CA TRP A 177 15.66 11.34 -10.47
C TRP A 177 17.08 11.17 -9.96
N VAL A 178 17.41 11.92 -8.92
CA VAL A 178 18.54 11.60 -8.06
C VAL A 178 18.01 11.42 -6.65
N LEU A 179 18.44 10.33 -6.00
CA LEU A 179 18.03 10.04 -4.63
C LEU A 179 18.97 10.72 -3.65
N LEU A 180 18.41 11.54 -2.77
CA LEU A 180 19.20 12.23 -1.74
C LEU A 180 18.60 11.84 -0.40
N ASN A 181 19.28 10.93 0.31
CA ASN A 181 18.79 10.32 1.55
C ASN A 181 19.72 10.72 2.71
N SER A 182 19.23 11.62 3.58
CA SER A 182 20.06 12.23 4.62
C SER A 182 19.25 12.47 5.91
N PRO A 183 19.67 11.92 7.07
CA PRO A 183 20.77 10.96 7.27
C PRO A 183 20.50 9.63 6.58
N SER A 184 21.54 8.83 6.41
CA SER A 184 21.49 7.64 5.58
C SER A 184 21.50 6.36 6.41
N ASN A 185 20.69 5.38 5.99
CA ASN A 185 20.98 3.98 6.23
C ASN A 185 21.67 3.46 4.98
N PRO A 186 22.91 2.95 5.04
CA PRO A 186 23.72 2.40 6.13
C PRO A 186 24.82 3.27 6.72
N SER A 187 25.07 4.47 6.22
CA SER A 187 26.29 5.19 6.59
CA SER A 187 26.28 5.18 6.60
C SER A 187 26.11 6.07 7.82
N GLY A 188 24.90 6.53 8.11
CA GLY A 188 24.74 7.49 9.17
C GLY A 188 25.21 8.88 8.81
N ALA A 189 25.61 9.08 7.56
CA ALA A 189 26.10 10.40 7.15
C ALA A 189 24.91 11.29 6.80
N ALA A 190 25.10 12.59 7.01
CA ALA A 190 24.08 13.58 6.66
C ALA A 190 24.73 14.75 5.95
N TYR A 191 23.96 15.39 5.07
CA TYR A 191 24.43 16.53 4.30
C TYR A 191 24.12 17.82 5.03
N SER A 192 25.16 18.58 5.36
CA SER A 192 24.97 19.94 5.81
C SER A 192 24.51 20.80 4.63
N ALA A 193 24.14 22.05 4.94
CA ALA A 193 23.86 23.00 3.86
C ALA A 193 25.07 23.12 2.94
N ALA A 194 26.27 23.22 3.51
CA ALA A 194 27.47 23.35 2.68
C ALA A 194 27.71 22.08 1.85
N ASP A 195 27.38 20.90 2.39
CA ASP A 195 27.49 19.66 1.63
C ASP A 195 26.51 19.63 0.46
N TYR A 196 25.28 20.07 0.71
CA TYR A 196 24.24 20.06 -0.32
C TYR A 196 24.51 21.08 -1.42
N ARG A 197 25.01 22.28 -1.06
CA ARG A 197 24.98 23.42 -1.97
C ARG A 197 25.58 23.13 -3.34
N PRO A 198 26.79 22.54 -3.47
CA PRO A 198 27.32 22.29 -4.81
C PRO A 198 26.50 21.31 -5.63
N LEU A 199 25.85 20.33 -5.00
CA LEU A 199 24.94 19.45 -5.73
C LEU A 199 23.71 20.20 -6.23
N LEU A 200 23.17 21.08 -5.39
CA LEU A 200 22.01 21.86 -5.81
C LEU A 200 22.36 22.78 -6.97
N GLU A 201 23.59 23.30 -6.99
CA GLU A 201 24.02 24.13 -8.11
C GLU A 201 24.11 23.31 -9.40
N VAL A 202 24.61 22.07 -9.31
CA VAL A 202 24.60 21.18 -10.47
C VAL A 202 23.16 20.93 -10.94
N LEU A 203 22.26 20.65 -9.99
CA LEU A 203 20.90 20.30 -10.36
C LEU A 203 20.16 21.48 -11.00
N LEU A 204 20.51 22.71 -10.64
CA LEU A 204 19.89 23.87 -11.28
C LEU A 204 20.20 23.90 -12.78
N ARG A 205 21.34 23.34 -13.19
CA ARG A 205 21.74 23.32 -14.58
C ARG A 205 21.19 22.13 -15.37
N HIS A 206 20.44 21.24 -14.73
CA HIS A 206 19.87 20.05 -15.38
C HIS A 206 18.38 19.96 -15.05
N PRO A 207 17.56 20.79 -15.71
CA PRO A 207 16.15 20.90 -15.28
C PRO A 207 15.31 19.61 -15.43
N HIS A 208 15.76 18.62 -16.21
CA HIS A 208 14.98 17.39 -16.34
CA HIS A 208 14.98 17.39 -16.34
C HIS A 208 15.16 16.44 -15.16
N VAL A 209 16.12 16.70 -14.28
CA VAL A 209 16.39 15.80 -13.15
C VAL A 209 15.60 16.26 -11.94
N TRP A 210 14.72 15.38 -11.44
CA TRP A 210 13.98 15.64 -10.22
C TRP A 210 14.73 15.08 -9.02
N LEU A 211 14.44 15.65 -7.85
CA LEU A 211 15.11 15.28 -6.61
C LEU A 211 14.18 14.43 -5.74
N LEU A 212 14.62 13.24 -5.39
CA LEU A 212 13.88 12.35 -4.50
C LEU A 212 14.57 12.45 -3.15
N VAL A 213 13.97 13.20 -2.23
CA VAL A 213 14.61 13.58 -0.98
C VAL A 213 14.00 12.73 0.13
N ASP A 214 14.79 11.82 0.72
CA ASP A 214 14.28 10.93 1.75
C ASP A 214 14.80 11.41 3.11
N ASP A 215 13.97 12.19 3.82
CA ASP A 215 14.32 12.82 5.08
C ASP A 215 13.87 12.01 6.32
N MET A 216 13.69 10.70 6.18
CA MET A 216 13.08 9.91 7.25
C MET A 216 13.84 9.97 8.58
N TYR A 217 15.17 10.15 8.57
CA TYR A 217 15.92 10.21 9.82
C TYR A 217 16.15 11.63 10.34
N GLU A 218 15.39 12.59 9.80
CA GLU A 218 15.47 13.99 10.21
C GLU A 218 15.62 14.18 11.70
N HIS A 219 14.79 13.50 12.49
CA HIS A 219 14.77 13.74 13.93
C HIS A 219 15.68 12.80 14.71
N ILE A 220 16.62 12.12 14.05
CA ILE A 220 17.69 11.43 14.75
C ILE A 220 19.01 11.95 14.20
N VAL A 221 19.43 13.12 14.70
CA VAL A 221 20.68 13.77 14.30
C VAL A 221 21.40 14.22 15.56
N TYR A 222 22.73 14.28 15.46
CA TYR A 222 23.59 14.37 16.63
C TYR A 222 24.43 15.65 16.62
N ASP A 223 25.03 15.94 17.79
CA ASP A 223 26.02 16.99 17.95
C ASP A 223 25.48 18.38 17.61
N GLY A 224 24.16 18.57 17.71
CA GLY A 224 23.57 19.85 17.34
C GLY A 224 23.48 20.09 15.85
N PHE A 225 23.66 19.05 15.04
CA PHE A 225 23.57 19.17 13.58
C PHE A 225 22.27 19.86 13.19
N ARG A 226 22.38 20.82 12.26
CA ARG A 226 21.24 21.62 11.81
C ARG A 226 20.64 20.97 10.56
N PHE A 227 19.52 20.29 10.72
CA PHE A 227 18.94 19.56 9.59
C PHE A 227 18.42 20.54 8.55
N VAL A 228 18.75 20.27 7.28
CA VAL A 228 18.30 21.07 6.15
C VAL A 228 17.87 20.11 5.06
N THR A 229 17.06 20.62 4.13
CA THR A 229 16.53 19.79 3.06
C THR A 229 16.53 20.59 1.77
N PRO A 230 16.75 19.93 0.63
CA PRO A 230 17.03 20.68 -0.62
C PRO A 230 15.97 21.70 -1.05
N ALA A 231 14.68 21.39 -0.91
CA ALA A 231 13.68 22.34 -1.40
C ALA A 231 13.64 23.63 -0.58
N GLN A 232 14.10 23.56 0.68
CA GLN A 232 14.29 24.73 1.54
CA GLN A 232 14.25 24.78 1.47
C GLN A 232 15.54 25.50 1.13
N LEU A 233 16.64 24.76 0.91
CA LEU A 233 17.93 25.40 0.60
C LEU A 233 17.94 26.07 -0.76
N GLU A 234 17.18 25.54 -1.71
CA GLU A 234 17.19 26.05 -3.09
C GLU A 234 15.77 26.12 -3.62
N PRO A 235 15.09 27.26 -3.42
CA PRO A 235 13.72 27.42 -3.96
C PRO A 235 13.62 27.14 -5.44
N GLY A 236 14.69 27.36 -6.20
CA GLY A 236 14.70 27.08 -7.63
C GLY A 236 14.59 25.60 -7.98
N LEU A 237 14.64 24.71 -7.00
CA LEU A 237 14.44 23.28 -7.24
C LEU A 237 13.15 22.76 -6.64
N LYS A 238 12.40 23.60 -5.94
CA LYS A 238 11.21 23.12 -5.24
C LYS A 238 10.15 22.61 -6.22
N ASN A 239 10.08 23.17 -7.43
CA ASN A 239 9.09 22.71 -8.40
C ASN A 239 9.46 21.37 -9.04
N ARG A 240 10.57 20.73 -8.61
CA ARG A 240 10.87 19.39 -9.06
C ARG A 240 11.53 18.55 -7.96
N THR A 241 11.14 18.77 -6.72
CA THR A 241 11.62 17.99 -5.58
C THR A 241 10.44 17.33 -4.91
N LEU A 242 10.56 16.04 -4.60
CA LEU A 242 9.62 15.37 -3.69
C LEU A 242 10.30 15.23 -2.33
N THR A 243 9.78 15.93 -1.33
CA THR A 243 10.33 15.86 0.02
C THR A 243 9.58 14.76 0.79
N VAL A 244 10.26 13.64 1.03
CA VAL A 244 9.67 12.43 1.61
C VAL A 244 9.98 12.39 3.09
N ASN A 245 8.99 12.06 3.90
CA ASN A 245 9.17 11.98 5.34
C ASN A 245 8.09 11.07 5.90
N GLY A 246 8.01 10.97 7.22
CA GLY A 246 7.11 10.01 7.81
C GLY A 246 7.29 9.91 9.31
N VAL A 247 6.38 9.18 9.94
CA VAL A 247 6.38 9.03 11.39
C VAL A 247 7.19 7.84 11.88
N SER A 248 7.57 6.91 11.00
CA SER A 248 8.16 5.65 11.43
C SER A 248 9.34 5.80 12.39
N LYS A 249 10.34 6.59 11.99
CA LYS A 249 11.60 6.61 12.77
C LYS A 249 11.57 7.66 13.82
N ALA A 250 11.06 8.84 13.49
CA ALA A 250 11.01 9.95 14.46
C ALA A 250 10.20 9.59 15.71
N TYR A 251 9.06 8.94 15.52
CA TYR A 251 8.12 8.70 16.60
C TYR A 251 8.07 7.23 17.02
N ALA A 252 8.93 6.38 16.46
CA ALA A 252 8.87 4.93 16.69
C ALA A 252 7.49 4.39 16.37
N MET A 253 7.08 4.59 15.12
CA MET A 253 5.75 4.21 14.66
C MET A 253 5.82 3.34 13.42
N THR A 254 6.85 2.51 13.31
CA THR A 254 7.05 1.71 12.11
C THR A 254 5.86 0.81 11.81
N GLY A 255 5.26 0.21 12.85
CA GLY A 255 4.11 -0.68 12.62
C GLY A 255 2.85 0.01 12.18
N TRP A 256 2.76 1.35 12.34
CA TRP A 256 1.54 2.05 11.97
C TRP A 256 1.42 2.32 10.47
N ARG A 257 2.54 2.37 9.75
CA ARG A 257 2.61 2.53 8.29
C ARG A 257 1.97 3.85 7.81
N ILE A 258 2.61 4.96 8.16
CA ILE A 258 2.21 6.26 7.61
C ILE A 258 3.45 7.02 7.14
N GLY A 259 3.52 7.27 5.83
CA GLY A 259 4.51 8.16 5.27
C GLY A 259 3.82 9.30 4.55
N TYR A 260 4.57 10.36 4.25
CA TYR A 260 3.98 11.51 3.57
C TYR A 260 5.05 12.25 2.77
N ALA A 261 4.59 13.17 1.93
CA ALA A 261 5.52 13.94 1.09
C ALA A 261 4.89 15.27 0.72
N GLY A 262 5.77 16.23 0.45
CA GLY A 262 5.37 17.47 -0.21
C GLY A 262 6.08 17.57 -1.55
N GLY A 263 5.34 17.98 -2.57
CA GLY A 263 5.93 18.15 -3.89
C GLY A 263 4.98 18.78 -4.88
N PRO A 264 5.43 18.94 -6.13
CA PRO A 264 4.61 19.61 -7.15
C PRO A 264 3.26 18.91 -7.33
N ARG A 265 2.21 19.74 -7.51
CA ARG A 265 0.85 19.22 -7.56
C ARG A 265 0.67 18.14 -8.61
N GLU A 266 1.30 18.28 -9.78
CA GLU A 266 1.07 17.30 -10.85
CA GLU A 266 1.07 17.30 -10.85
C GLU A 266 1.68 15.94 -10.51
N LEU A 267 2.81 15.92 -9.82
CA LEU A 267 3.34 14.65 -9.33
C LEU A 267 2.47 14.07 -8.23
N ILE A 268 2.02 14.92 -7.30
CA ILE A 268 1.10 14.48 -6.25
C ILE A 268 -0.16 13.85 -6.84
N LYS A 269 -0.68 14.45 -7.91
N LYS A 269 -0.68 14.47 -7.90
CA LYS A 269 -1.88 13.89 -8.53
CA LYS A 269 -1.86 13.93 -8.57
C LYS A 269 -1.59 12.55 -9.19
C LYS A 269 -1.58 12.55 -9.17
N ALA A 270 -0.43 12.40 -9.82
CA ALA A 270 -0.10 11.12 -10.44
C ALA A 270 0.16 10.05 -9.39
N MET A 271 0.78 10.43 -8.26
CA MET A 271 0.96 9.48 -7.17
C MET A 271 -0.38 8.97 -6.66
N ALA A 272 -1.40 9.84 -6.63
CA ALA A 272 -2.72 9.42 -6.19
C ALA A 272 -3.34 8.41 -7.15
N VAL A 273 -3.09 8.56 -8.46
CA VAL A 273 -3.54 7.54 -9.41
C VAL A 273 -2.92 6.19 -9.05
N VAL A 274 -1.60 6.16 -8.78
CA VAL A 274 -0.97 4.90 -8.39
C VAL A 274 -1.59 4.38 -7.10
N GLN A 275 -1.74 5.26 -6.10
CA GLN A 275 -2.22 4.84 -4.80
C GLN A 275 -3.63 4.25 -4.89
N SER A 276 -4.44 4.79 -5.80
CA SER A 276 -5.79 4.28 -5.96
C SER A 276 -5.79 2.85 -6.48
N GLN A 277 -4.76 2.45 -7.23
CA GLN A 277 -4.69 1.06 -7.67
C GLN A 277 -4.02 0.16 -6.65
N ALA A 278 -3.08 0.70 -5.87
CA ALA A 278 -2.25 -0.12 -5.00
C ALA A 278 -2.86 -0.39 -3.64
N THR A 279 -3.53 0.60 -3.03
CA THR A 279 -3.88 0.49 -1.61
C THR A 279 -5.18 1.19 -1.19
N SER A 280 -5.69 2.11 -2.02
CA SER A 280 -6.62 3.13 -1.54
C SER A 280 -5.98 3.88 -0.39
N CYS A 281 -6.77 4.47 0.50
CA CYS A 281 -6.21 5.30 1.55
C CYS A 281 -5.40 4.45 2.53
N PRO A 282 -4.44 5.06 3.23
CA PRO A 282 -3.80 4.37 4.35
C PRO A 282 -4.76 4.34 5.53
N SER A 283 -4.38 3.56 6.55
CA SER A 283 -5.27 3.29 7.68
C SER A 283 -5.80 4.58 8.31
N SER A 284 -7.12 4.67 8.47
CA SER A 284 -7.72 5.80 9.14
C SER A 284 -7.25 5.92 10.59
N ILE A 285 -7.00 4.78 11.24
CA ILE A 285 -6.54 4.81 12.63
C ILE A 285 -5.11 5.33 12.70
N SER A 286 -4.23 4.82 11.83
CA SER A 286 -2.84 5.29 11.85
C SER A 286 -2.77 6.76 11.48
N GLN A 287 -3.61 7.21 10.54
CA GLN A 287 -3.65 8.62 10.20
C GLN A 287 -3.99 9.47 11.41
N ALA A 288 -4.96 9.03 12.21
CA ALA A 288 -5.37 9.83 13.36
C ALA A 288 -4.27 9.88 14.42
N ALA A 289 -3.57 8.77 14.61
CA ALA A 289 -2.40 8.77 15.49
C ALA A 289 -1.35 9.77 15.01
N SER A 290 -1.13 9.82 13.69
CA SER A 290 -0.07 10.64 13.15
C SER A 290 -0.39 12.13 13.24
N VAL A 291 -1.67 12.50 13.19
CA VAL A 291 -2.05 13.89 13.41
C VAL A 291 -1.47 14.38 14.74
N VAL A 292 -1.62 13.55 15.78
CA VAL A 292 -1.20 13.96 17.11
C VAL A 292 0.31 13.76 17.28
N ALA A 293 0.92 12.78 16.62
CA ALA A 293 2.37 12.70 16.63
C ALA A 293 3.00 14.00 16.11
N LEU A 294 2.41 14.57 15.05
CA LEU A 294 2.97 15.77 14.44
C LEU A 294 2.59 17.04 15.20
N ASN A 295 1.31 17.16 15.61
CA ASN A 295 0.81 18.35 16.30
C ASN A 295 1.14 18.38 17.77
N GLY A 296 1.51 17.24 18.36
CA GLY A 296 1.66 17.15 19.79
C GLY A 296 3.01 17.65 20.27
N PRO A 297 3.28 17.48 21.57
CA PRO A 297 4.57 17.91 22.12
C PRO A 297 5.71 17.12 21.50
N GLN A 298 6.83 17.82 21.29
CA GLN A 298 8.01 17.22 20.67
C GLN A 298 9.20 17.10 21.62
N ASP A 299 9.05 17.50 22.88
CA ASP A 299 10.20 17.56 23.78
C ASP A 299 10.79 16.18 24.03
N PHE A 300 9.98 15.12 23.93
CA PHE A 300 10.48 13.78 24.18
C PHE A 300 11.60 13.39 23.22
N LEU A 301 11.63 14.00 22.03
CA LEU A 301 12.68 13.69 21.06
C LEU A 301 14.07 13.96 21.63
N LYS A 302 14.20 14.94 22.53
CA LYS A 302 15.51 15.29 23.06
C LYS A 302 16.13 14.11 23.81
N GLU A 303 15.37 13.50 24.72
CA GLU A 303 15.91 12.37 25.48
C GLU A 303 16.21 11.19 24.58
N ARG A 304 15.39 10.96 23.54
CA ARG A 304 15.65 9.83 22.66
C ARG A 304 16.93 10.05 21.86
N THR A 305 17.13 11.27 21.35
CA THR A 305 18.36 11.62 20.66
C THR A 305 19.58 11.44 21.55
N GLU A 306 19.50 11.93 22.80
CA GLU A 306 20.63 11.81 23.72
C GLU A 306 20.96 10.34 23.98
N SER A 307 19.94 9.51 24.14
CA SER A 307 20.13 8.07 24.30
C SER A 307 20.80 7.46 23.08
N PHE A 308 20.33 7.81 21.88
CA PHE A 308 20.94 7.32 20.65
C PHE A 308 22.40 7.79 20.53
N GLN A 309 22.66 9.04 20.87
CA GLN A 309 24.01 9.58 20.73
C GLN A 309 25.00 8.89 21.68
N ARG A 310 24.57 8.59 22.91
CA ARG A 310 25.44 7.84 23.82
C ARG A 310 25.81 6.49 23.23
N ARG A 311 24.85 5.83 22.59
CA ARG A 311 25.10 4.52 22.01
C ARG A 311 25.97 4.62 20.76
N ARG A 312 25.73 5.64 19.93
CA ARG A 312 26.64 5.93 18.83
C ARG A 312 28.08 6.03 19.32
N ASP A 313 28.30 6.81 20.38
CA ASP A 313 29.65 7.01 20.91
C ASP A 313 30.25 5.71 21.41
N LEU A 314 29.43 4.86 22.04
CA LEU A 314 29.93 3.55 22.47
C LEU A 314 30.53 2.80 21.30
N VAL A 315 29.80 2.75 20.17
CA VAL A 315 30.22 1.96 19.02
C VAL A 315 31.42 2.59 18.33
N VAL A 316 31.37 3.90 18.07
CA VAL A 316 32.50 4.56 17.43
C VAL A 316 33.78 4.39 18.27
N ASN A 317 33.70 4.74 19.55
CA ASN A 317 34.89 4.60 20.40
C ASN A 317 35.30 3.15 20.59
N GLY A 318 34.32 2.23 20.63
CA GLY A 318 34.67 0.82 20.80
C GLY A 318 35.42 0.27 19.61
N LEU A 319 34.95 0.58 18.40
CA LEU A 319 35.60 0.07 17.19
C LEU A 319 36.96 0.71 16.98
N ASN A 320 37.09 2.00 17.26
CA ASN A 320 38.37 2.68 17.08
C ASN A 320 39.40 2.32 18.13
N ALA A 321 39.04 1.52 19.14
CA ALA A 321 40.00 0.92 20.04
C ALA A 321 40.49 -0.44 19.57
N ILE A 322 40.07 -0.88 18.38
CA ILE A 322 40.40 -2.19 17.85
C ILE A 322 41.33 -2.00 16.66
N ASP A 323 42.55 -2.52 16.75
CA ASP A 323 43.50 -2.36 15.65
C ASP A 323 42.92 -2.90 14.35
N GLY A 324 43.08 -2.13 13.28
CA GLY A 324 42.61 -2.53 11.96
C GLY A 324 41.26 -1.96 11.55
N LEU A 325 40.51 -1.35 12.46
CA LEU A 325 39.22 -0.76 12.18
C LEU A 325 39.29 0.76 12.31
N ASP A 326 38.59 1.46 11.42
CA ASP A 326 38.52 2.93 11.47
CA ASP A 326 38.52 2.92 11.43
C ASP A 326 37.07 3.33 11.23
N CYS A 327 36.45 3.88 12.26
CA CYS A 327 35.01 4.20 12.24
C CYS A 327 34.79 5.71 12.27
N ARG A 328 34.17 6.24 11.21
CA ARG A 328 33.74 7.63 11.18
C ARG A 328 32.57 7.85 12.14
N VAL A 329 32.41 9.10 12.57
CA VAL A 329 31.34 9.49 13.48
C VAL A 329 30.09 9.83 12.65
N PRO A 330 29.00 9.08 12.77
CA PRO A 330 27.80 9.43 12.00
C PRO A 330 27.12 10.69 12.49
N GLU A 331 26.48 11.40 11.55
CA GLU A 331 25.71 12.60 11.90
C GLU A 331 24.26 12.29 12.29
N GLY A 332 23.73 11.15 11.88
CA GLY A 332 22.34 10.85 12.16
C GLY A 332 22.02 9.40 11.87
N ALA A 333 20.73 9.06 12.01
CA ALA A 333 20.25 7.70 11.99
C ALA A 333 20.90 6.91 13.12
N PHE A 334 20.83 5.58 13.09
CA PHE A 334 21.40 4.79 14.17
C PHE A 334 22.25 3.65 13.59
N TYR A 335 23.13 3.99 12.64
CA TYR A 335 24.04 3.06 12.01
C TYR A 335 25.45 3.62 12.01
N THR A 336 26.45 2.76 12.25
CA THR A 336 27.84 3.07 11.94
C THR A 336 28.25 2.25 10.71
N PHE A 337 29.17 2.81 9.94
CA PHE A 337 29.67 2.16 8.72
C PHE A 337 31.21 2.18 8.79
N SER A 338 31.75 1.36 9.68
CA SER A 338 33.18 1.38 9.98
C SER A 338 34.02 0.75 8.88
N GLY A 339 35.17 1.35 8.60
CA GLY A 339 36.15 0.70 7.75
C GLY A 339 36.78 -0.50 8.44
N CYS A 340 37.17 -1.49 7.63
CA CYS A 340 37.91 -2.64 8.15
C CYS A 340 39.08 -3.02 7.25
N ALA A 341 39.73 -2.02 6.62
CA ALA A 341 40.85 -2.32 5.73
C ALA A 341 42.02 -2.97 6.48
N GLY A 342 42.21 -2.61 7.74
CA GLY A 342 43.36 -3.06 8.50
C GLY A 342 43.31 -4.53 8.88
N VAL A 343 42.18 -5.20 8.73
CA VAL A 343 42.11 -6.63 9.01
C VAL A 343 42.24 -7.48 7.75
N LEU A 344 42.18 -6.88 6.57
CA LEU A 344 42.31 -7.65 5.34
C LEU A 344 43.73 -8.22 5.22
N GLY A 345 43.82 -9.47 4.78
CA GLY A 345 45.08 -10.17 4.68
C GLY A 345 45.46 -10.99 5.89
N LYS A 346 44.81 -10.76 7.03
CA LYS A 346 45.10 -11.52 8.23
C LYS A 346 44.43 -12.89 8.18
N VAL A 347 44.86 -13.78 9.06
CA VAL A 347 44.40 -15.17 9.09
C VAL A 347 43.69 -15.43 10.41
N THR A 348 42.57 -16.14 10.33
CA THR A 348 41.83 -16.52 11.53
C THR A 348 42.53 -17.71 12.22
N PRO A 349 42.22 -17.96 13.48
CA PRO A 349 42.79 -19.14 14.15
C PRO A 349 42.48 -20.46 13.46
N SER A 350 41.41 -20.54 12.67
CA SER A 350 41.06 -21.77 11.97
CA SER A 350 41.07 -21.77 11.98
C SER A 350 41.72 -21.87 10.60
N GLY A 351 42.54 -20.89 10.22
CA GLY A 351 43.30 -20.98 8.99
C GLY A 351 42.68 -20.31 7.77
N LYS A 352 41.64 -19.51 7.94
CA LYS A 352 41.02 -18.81 6.83
C LYS A 352 41.62 -17.41 6.70
N ARG A 353 42.02 -17.05 5.49
CA ARG A 353 42.53 -15.71 5.22
C ARG A 353 41.37 -14.77 4.94
N ILE A 354 41.42 -13.59 5.56
CA ILE A 354 40.35 -12.60 5.45
C ILE A 354 40.68 -11.68 4.28
N LYS A 355 40.05 -11.93 3.14
CA LYS A 355 40.36 -11.18 1.93
C LYS A 355 39.41 -10.02 1.67
N THR A 356 38.19 -10.09 2.19
CA THR A 356 37.15 -9.08 1.91
C THR A 356 36.42 -8.72 3.18
N ASP A 357 35.67 -7.61 3.14
CA ASP A 357 34.81 -7.32 4.28
C ASP A 357 33.75 -8.39 4.46
N THR A 358 33.35 -9.04 3.36
CA THR A 358 32.47 -10.21 3.46
C THR A 358 33.09 -11.31 4.32
N ASP A 359 34.37 -11.64 4.07
CA ASP A 359 35.03 -12.64 4.89
C ASP A 359 35.11 -12.20 6.35
N PHE A 360 35.42 -10.93 6.58
CA PHE A 360 35.57 -10.45 7.96
C PHE A 360 34.26 -10.60 8.72
N CYS A 361 33.15 -10.21 8.09
CA CYS A 361 31.85 -10.31 8.76
C CYS A 361 31.46 -11.77 9.01
N ALA A 362 31.78 -12.68 8.08
CA ALA A 362 31.48 -14.08 8.32
C ALA A 362 32.29 -14.64 9.49
N TYR A 363 33.51 -14.15 9.66
CA TYR A 363 34.33 -14.53 10.81
C TYR A 363 33.76 -13.97 12.11
N LEU A 364 33.31 -12.71 12.08
CA LEU A 364 32.68 -12.14 13.27
C LEU A 364 31.41 -12.91 13.63
N LEU A 365 30.63 -13.31 12.63
CA LEU A 365 29.43 -14.08 12.90
C LEU A 365 29.77 -15.43 13.52
N GLU A 366 30.56 -16.24 12.83
CA GLU A 366 30.75 -17.62 13.25
C GLU A 366 31.67 -17.74 14.47
N ASP A 367 32.64 -16.83 14.62
CA ASP A 367 33.63 -16.97 15.68
C ASP A 367 33.54 -15.92 16.77
N ALA A 368 32.95 -14.75 16.51
CA ALA A 368 32.67 -13.80 17.56
C ALA A 368 31.20 -13.80 18.00
N HIS A 369 30.33 -14.48 17.25
CA HIS A 369 28.89 -14.51 17.54
C HIS A 369 28.32 -13.09 17.60
N VAL A 370 28.71 -12.28 16.61
CA VAL A 370 28.11 -10.98 16.39
C VAL A 370 27.80 -10.87 14.91
N ALA A 371 26.56 -10.54 14.57
CA ALA A 371 26.14 -10.42 13.18
C ALA A 371 26.11 -8.94 12.78
N VAL A 372 26.93 -8.59 11.79
CA VAL A 372 26.94 -7.28 11.14
C VAL A 372 26.89 -7.54 9.64
N VAL A 373 26.74 -6.49 8.84
CA VAL A 373 26.54 -6.61 7.40
C VAL A 373 27.75 -6.03 6.67
N PRO A 374 28.38 -6.78 5.76
CA PRO A 374 29.57 -6.28 5.07
C PRO A 374 29.26 -5.15 4.10
N GLY A 375 30.26 -4.29 3.90
CA GLY A 375 30.08 -3.18 2.98
C GLY A 375 29.76 -3.62 1.57
N SER A 376 30.26 -4.80 1.17
CA SER A 376 29.95 -5.34 -0.15
C SER A 376 28.44 -5.41 -0.40
N ALA A 377 27.65 -5.65 0.66
CA ALA A 377 26.19 -5.71 0.51
C ALA A 377 25.57 -4.34 0.23
N PHE A 378 26.28 -3.26 0.53
CA PHE A 378 25.81 -1.91 0.28
C PHE A 378 26.55 -1.21 -0.85
N GLY A 379 27.47 -1.89 -1.52
CA GLY A 379 28.16 -1.32 -2.66
C GLY A 379 29.39 -0.49 -2.35
N LEU A 380 30.02 -0.70 -1.20
CA LEU A 380 31.27 -0.01 -0.89
C LEU A 380 32.05 -0.86 0.12
N SER A 381 33.31 -1.16 -0.21
CA SER A 381 34.20 -1.98 0.60
C SER A 381 35.51 -1.26 0.82
N PRO A 382 36.27 -1.62 1.87
CA PRO A 382 35.97 -2.60 2.92
C PRO A 382 35.39 -1.94 4.17
N PHE A 383 34.11 -2.22 4.43
CA PHE A 383 33.38 -1.64 5.55
C PHE A 383 32.44 -2.68 6.12
N PHE A 384 31.79 -2.33 7.22
CA PHE A 384 30.68 -3.13 7.74
C PHE A 384 29.74 -2.22 8.50
N ARG A 385 28.45 -2.57 8.48
CA ARG A 385 27.42 -1.76 9.12
C ARG A 385 27.01 -2.38 10.44
N ILE A 386 26.91 -1.55 11.48
CA ILE A 386 26.28 -1.88 12.75
C ILE A 386 25.05 -0.99 12.93
N SER A 387 23.93 -1.58 13.34
CA SER A 387 22.81 -0.81 13.87
C SER A 387 22.92 -0.80 15.38
N TYR A 388 22.92 0.39 15.98
CA TYR A 388 22.99 0.48 17.43
C TYR A 388 21.64 0.84 18.07
N ALA A 389 20.53 0.56 17.39
CA ALA A 389 19.20 0.69 17.98
C ALA A 389 18.87 -0.51 18.87
N THR A 390 19.74 -0.73 19.86
CA THR A 390 19.55 -1.75 20.86
C THR A 390 20.17 -1.23 22.16
N SER A 391 20.16 -2.06 23.20
CA SER A 391 20.54 -1.61 24.52
C SER A 391 22.05 -1.39 24.61
N GLU A 392 22.45 -0.47 25.49
CA GLU A 392 23.88 -0.24 25.74
C GLU A 392 24.56 -1.52 26.19
N ALA A 393 23.91 -2.29 27.07
CA ALA A 393 24.50 -3.55 27.53
C ALA A 393 24.78 -4.48 26.36
N GLU A 394 23.81 -4.64 25.45
CA GLU A 394 24.05 -5.51 24.31
C GLU A 394 25.19 -4.97 23.44
N LEU A 395 25.28 -3.65 23.27
CA LEU A 395 26.35 -3.08 22.45
C LEU A 395 27.71 -3.28 23.09
N LYS A 396 27.83 -3.03 24.40
CA LYS A 396 29.11 -3.19 25.06
CA LYS A 396 29.10 -3.20 25.09
C LYS A 396 29.58 -4.64 24.99
N GLU A 397 28.66 -5.60 25.13
CA GLU A 397 29.03 -7.01 25.00
C GLU A 397 29.49 -7.33 23.59
N ALA A 398 28.74 -6.85 22.58
CA ALA A 398 29.12 -7.11 21.20
C ALA A 398 30.50 -6.54 20.89
N LEU A 399 30.78 -5.33 21.37
CA LEU A 399 32.08 -4.72 21.09
C LEU A 399 33.21 -5.51 21.74
N GLU A 400 32.97 -6.06 22.93
CA GLU A 400 33.99 -6.92 23.56
C GLU A 400 34.30 -8.13 22.71
N ARG A 401 33.28 -8.76 22.14
CA ARG A 401 33.48 -9.96 21.32
C ARG A 401 34.21 -9.63 20.03
N ILE A 402 33.85 -8.52 19.38
CA ILE A 402 34.53 -8.11 18.16
C ILE A 402 36.00 -7.84 18.43
N ALA A 403 36.30 -7.17 19.55
CA ALA A 403 37.69 -6.86 19.88
C ALA A 403 38.49 -8.13 20.11
N ALA A 404 37.92 -9.08 20.86
CA ALA A 404 38.62 -10.35 21.11
C ALA A 404 38.87 -11.11 19.82
N ALA A 405 37.87 -11.15 18.93
CA ALA A 405 38.04 -11.88 17.68
C ALA A 405 39.07 -11.20 16.78
N CYS A 406 39.10 -9.86 16.78
CA CYS A 406 40.13 -9.16 16.02
C CYS A 406 41.52 -9.40 16.58
N ASP A 407 41.64 -9.50 17.91
CA ASP A 407 42.94 -9.76 18.54
C ASP A 407 43.47 -11.15 18.20
N ARG A 408 42.59 -12.11 17.92
CA ARG A 408 43.01 -13.47 17.61
C ARG A 408 43.46 -13.65 16.16
N LEU A 409 43.36 -12.61 15.35
CA LEU A 409 43.85 -12.66 13.98
C LEU A 409 45.38 -12.58 13.96
N SER A 410 45.96 -13.09 12.87
CA SER A 410 47.41 -13.12 12.71
C SER A 410 47.81 -12.78 11.28
N GLY B 11 8.70 20.57 -15.62
CA GLY B 11 7.37 20.13 -16.07
C GLY B 11 7.20 18.63 -15.89
N PHE B 12 6.19 18.20 -15.14
CA PHE B 12 6.10 16.80 -14.77
C PHE B 12 5.54 15.97 -15.92
N GLN B 13 6.16 14.82 -16.17
CA GLN B 13 5.71 13.91 -17.23
C GLN B 13 5.28 12.59 -16.63
N PRO B 14 3.98 12.30 -16.58
CA PRO B 14 3.53 11.03 -15.96
C PRO B 14 4.05 9.81 -16.71
N ALA B 15 4.23 8.73 -15.96
CA ALA B 15 4.63 7.46 -16.56
C ALA B 15 3.57 6.94 -17.52
N SER B 16 4.03 6.26 -18.58
CA SER B 16 3.08 5.73 -19.56
C SER B 16 2.14 4.70 -18.94
N ARG B 17 2.56 4.04 -17.85
CA ARG B 17 1.72 2.98 -17.28
C ARG B 17 0.41 3.52 -16.70
N ILE B 18 0.27 4.83 -16.49
CA ILE B 18 -1.02 5.34 -16.05
C ILE B 18 -1.76 6.06 -17.17
N SER B 19 -1.29 5.95 -18.41
CA SER B 19 -1.86 6.74 -19.50
C SER B 19 -3.28 6.30 -19.85
N SER B 20 -3.66 5.05 -19.59
CA SER B 20 -4.99 4.58 -19.93
CA SER B 20 -4.98 4.54 -19.92
C SER B 20 -5.96 4.65 -18.77
N ILE B 21 -5.56 5.30 -17.68
CA ILE B 21 -6.40 5.48 -16.49
C ILE B 21 -6.94 6.89 -16.53
N GLY B 22 -8.26 7.03 -16.73
CA GLY B 22 -8.91 8.31 -16.79
C GLY B 22 -9.68 8.63 -15.51
N VAL B 23 -10.49 9.67 -15.58
CA VAL B 23 -11.32 10.09 -14.44
C VAL B 23 -12.62 9.32 -14.49
N SER B 24 -12.95 8.61 -13.41
CA SER B 24 -14.14 7.79 -13.39
CA SER B 24 -14.14 7.78 -13.40
C SER B 24 -15.40 8.64 -13.48
N GLU B 25 -16.41 8.12 -14.17
CA GLU B 25 -17.68 8.85 -14.22
CA GLU B 25 -17.69 8.82 -14.22
C GLU B 25 -18.29 8.98 -12.83
N ILE B 26 -18.01 8.03 -11.94
CA ILE B 26 -18.50 8.13 -10.57
C ILE B 26 -17.88 9.33 -9.86
N LEU B 27 -16.58 9.57 -10.05
CA LEU B 27 -15.98 10.77 -9.47
C LEU B 27 -16.57 12.04 -10.07
N LYS B 28 -16.84 12.04 -11.38
CA LYS B 28 -17.40 13.24 -11.99
C LYS B 28 -18.78 13.53 -11.43
N ILE B 29 -19.58 12.49 -11.21
CA ILE B 29 -20.90 12.68 -10.60
C ILE B 29 -20.76 13.19 -9.17
N GLY B 30 -19.85 12.59 -8.40
CA GLY B 30 -19.62 13.08 -7.05
C GLY B 30 -19.23 14.54 -7.01
N ALA B 31 -18.37 14.97 -7.94
CA ALA B 31 -17.95 16.36 -8.00
C ALA B 31 -19.11 17.28 -8.34
N ARG B 32 -19.99 16.87 -9.26
CA ARG B 32 -21.12 17.72 -9.59
C ARG B 32 -22.07 17.85 -8.41
N ALA B 33 -22.38 16.73 -7.74
CA ALA B 33 -23.22 16.79 -6.56
C ALA B 33 -22.60 17.68 -5.48
N ALA B 34 -21.28 17.60 -5.30
CA ALA B 34 -20.61 18.45 -4.32
C ALA B 34 -20.76 19.92 -4.66
N ALA B 35 -20.58 20.29 -5.93
CA ALA B 35 -20.76 21.68 -6.33
C ALA B 35 -22.19 22.13 -6.09
N MET B 36 -23.17 21.27 -6.42
CA MET B 36 -24.56 21.61 -6.21
C MET B 36 -24.83 21.91 -4.74
N LYS B 37 -24.24 21.14 -3.82
CA LYS B 37 -24.39 21.42 -2.40
C LYS B 37 -23.84 22.81 -2.06
N ARG B 38 -22.69 23.16 -2.63
CA ARG B 38 -22.13 24.51 -2.43
C ARG B 38 -23.07 25.58 -2.97
N GLU B 39 -23.83 25.26 -4.03
CA GLU B 39 -24.81 26.22 -4.53
C GLU B 39 -26.01 26.38 -3.60
N GLY B 40 -26.11 25.57 -2.55
CA GLY B 40 -27.29 25.55 -1.72
C GLY B 40 -28.34 24.55 -2.14
N LYS B 41 -27.97 23.56 -2.95
CA LYS B 41 -28.90 22.51 -3.41
C LYS B 41 -28.55 21.21 -2.69
N PRO B 42 -29.29 20.82 -1.65
CA PRO B 42 -29.04 19.52 -1.02
C PRO B 42 -29.23 18.40 -2.02
N VAL B 43 -28.27 17.49 -2.07
CA VAL B 43 -28.34 16.35 -2.97
C VAL B 43 -28.17 15.08 -2.15
N ILE B 44 -29.04 14.11 -2.38
CA ILE B 44 -28.86 12.77 -1.84
C ILE B 44 -27.98 11.98 -2.79
N ILE B 45 -26.84 11.52 -2.30
CA ILE B 45 -25.91 10.75 -3.11
C ILE B 45 -26.01 9.30 -2.66
N LEU B 46 -26.47 8.44 -3.56
CA LEU B 46 -26.69 7.03 -3.26
C LEU B 46 -25.53 6.19 -3.77
N GLY B 47 -24.33 6.49 -3.24
CA GLY B 47 -23.14 5.83 -3.70
C GLY B 47 -22.22 5.29 -2.62
N ALA B 48 -22.76 5.00 -1.44
CA ALA B 48 -21.94 4.50 -0.34
C ALA B 48 -21.18 3.24 -0.76
N GLY B 49 -19.86 3.24 -0.54
CA GLY B 49 -19.02 2.09 -0.83
C GLY B 49 -18.57 1.30 0.37
N GLU B 50 -19.16 1.50 1.54
CA GLU B 50 -18.79 0.82 2.77
C GLU B 50 -20.06 0.67 3.60
N PRO B 51 -20.15 -0.35 4.45
CA PRO B 51 -21.35 -0.52 5.26
C PRO B 51 -21.53 0.65 6.23
N ASP B 52 -22.79 1.00 6.49
CA ASP B 52 -23.07 2.04 7.48
C ASP B 52 -23.30 1.44 8.86
N PHE B 53 -22.39 0.54 9.22
CA PHE B 53 -22.23 0.03 10.57
C PHE B 53 -20.82 0.36 11.04
N ASP B 54 -20.60 0.36 12.35
CA ASP B 54 -19.24 0.60 12.86
C ASP B 54 -18.54 -0.74 13.06
N THR B 55 -17.22 -0.65 13.22
CA THR B 55 -16.43 -1.82 13.61
C THR B 55 -16.97 -2.38 14.92
N PRO B 56 -17.13 -3.70 15.03
CA PRO B 56 -17.71 -4.25 16.27
C PRO B 56 -16.86 -3.92 17.48
N GLU B 57 -17.53 -3.74 18.61
CA GLU B 57 -16.87 -3.23 19.82
C GLU B 57 -15.72 -4.13 20.26
N HIS B 58 -15.90 -5.47 20.19
CA HIS B 58 -14.83 -6.35 20.63
C HIS B 58 -13.61 -6.24 19.71
N VAL B 59 -13.81 -5.91 18.43
CA VAL B 59 -12.69 -5.67 17.54
C VAL B 59 -11.99 -4.37 17.88
N LYS B 60 -12.77 -3.31 18.17
CA LYS B 60 -12.19 -2.06 18.64
C LYS B 60 -11.33 -2.28 19.87
N GLN B 61 -11.83 -3.06 20.83
CA GLN B 61 -11.09 -3.29 22.07
C GLN B 61 -9.81 -4.07 21.81
N ALA B 62 -9.84 -5.04 20.89
CA ALA B 62 -8.63 -5.77 20.56
C ALA B 62 -7.55 -4.86 19.98
N ALA B 63 -7.95 -3.89 19.14
CA ALA B 63 -7.00 -2.92 18.62
C ALA B 63 -6.41 -2.07 19.74
N SER B 64 -7.27 -1.56 20.63
CA SER B 64 -6.80 -0.74 21.74
CA SER B 64 -6.79 -0.74 21.74
C SER B 64 -5.85 -1.52 22.64
N ASP B 65 -6.12 -2.81 22.84
CA ASP B 65 -5.26 -3.64 23.68
C ASP B 65 -3.90 -3.85 23.01
N ALA B 66 -3.89 -4.08 21.70
CA ALA B 66 -2.64 -4.22 20.97
C ALA B 66 -1.80 -2.95 21.05
N ILE B 67 -2.46 -1.79 20.87
CA ILE B 67 -1.77 -0.52 21.00
C ILE B 67 -1.13 -0.40 22.37
N HIS B 68 -1.89 -0.74 23.42
CA HIS B 68 -1.39 -0.62 24.78
C HIS B 68 -0.21 -1.56 25.03
N ARG B 69 -0.26 -2.77 24.47
CA ARG B 69 0.84 -3.73 24.62
C ARG B 69 2.06 -3.37 23.80
N GLY B 70 1.97 -2.36 22.93
CA GLY B 70 3.12 -1.96 22.13
C GLY B 70 3.35 -2.77 20.87
N GLU B 71 2.28 -3.31 20.27
CA GLU B 71 2.38 -3.98 18.98
C GLU B 71 2.43 -2.95 17.85
N THR B 72 3.51 -2.15 17.87
CA THR B 72 3.67 -0.97 17.04
C THR B 72 4.89 -1.05 16.14
N LYS B 73 5.44 -2.25 15.97
CA LYS B 73 6.66 -2.50 15.20
C LYS B 73 6.31 -3.15 13.87
N TYR B 74 7.29 -3.18 12.95
CA TYR B 74 7.12 -3.93 11.72
C TYR B 74 6.76 -5.38 12.04
N THR B 75 5.87 -5.96 11.26
CA THR B 75 5.57 -7.39 11.38
C THR B 75 6.25 -8.15 10.23
N ALA B 76 6.07 -9.46 10.22
CA ALA B 76 6.42 -10.21 9.02
C ALA B 76 5.78 -9.54 7.81
N LEU B 77 6.51 -9.56 6.68
CA LEU B 77 6.15 -8.74 5.52
C LEU B 77 4.71 -8.96 5.07
N ASP B 78 4.24 -10.21 5.05
CA ASP B 78 2.91 -10.48 4.55
C ASP B 78 1.99 -11.04 5.63
N GLY B 79 2.20 -10.61 6.89
CA GLY B 79 1.26 -10.86 7.96
C GLY B 79 1.81 -11.62 9.15
N THR B 80 1.31 -11.32 10.35
CA THR B 80 1.74 -12.04 11.54
C THR B 80 1.33 -13.51 11.42
N PRO B 81 2.10 -14.43 12.02
CA PRO B 81 1.64 -15.82 12.08
C PRO B 81 0.26 -15.94 12.69
N GLU B 82 -0.01 -15.15 13.73
CA GLU B 82 -1.32 -15.18 14.37
C GLU B 82 -2.44 -14.84 13.38
N LEU B 83 -2.25 -13.80 12.57
CA LEU B 83 -3.30 -13.44 11.62
C LEU B 83 -3.40 -14.47 10.50
N LYS B 84 -2.25 -14.99 10.02
CA LYS B 84 -2.31 -16.04 9.01
C LYS B 84 -3.05 -17.26 9.54
N LYS B 85 -2.84 -17.61 10.81
CA LYS B 85 -3.59 -18.73 11.40
C LYS B 85 -5.08 -18.41 11.50
N ALA B 86 -5.43 -17.15 11.84
CA ALA B 86 -6.85 -16.79 11.90
C ALA B 86 -7.50 -16.88 10.53
N ILE B 87 -6.75 -16.51 9.48
CA ILE B 87 -7.24 -16.60 8.11
C ILE B 87 -7.37 -18.06 7.69
N ARG B 88 -6.36 -18.88 7.99
CA ARG B 88 -6.46 -20.30 7.64
C ARG B 88 -7.71 -20.90 8.26
N GLU B 89 -7.98 -20.56 9.53
CA GLU B 89 -9.17 -21.07 10.20
C GLU B 89 -10.45 -20.55 9.54
N LYS B 90 -10.48 -19.26 9.17
CA LYS B 90 -11.65 -18.72 8.49
C LYS B 90 -11.94 -19.49 7.21
N PHE B 91 -10.92 -19.71 6.38
CA PHE B 91 -11.12 -20.42 5.13
C PHE B 91 -11.63 -21.83 5.37
N GLN B 92 -11.10 -22.52 6.39
CA GLN B 92 -11.55 -23.87 6.70
C GLN B 92 -12.97 -23.84 7.25
N ARG B 93 -13.22 -22.98 8.23
CA ARG B 93 -14.49 -22.95 8.94
C ARG B 93 -15.62 -22.48 8.04
N GLU B 94 -15.39 -21.38 7.32
CA GLU B 94 -16.44 -20.74 6.55
C GLU B 94 -16.52 -21.26 5.12
N ASN B 95 -15.42 -21.68 4.52
CA ASN B 95 -15.41 -22.05 3.11
C ASN B 95 -15.01 -23.49 2.84
N GLY B 96 -14.79 -24.29 3.88
CA GLY B 96 -14.33 -25.66 3.68
C GLY B 96 -13.09 -25.72 2.81
N LEU B 97 -12.23 -24.71 2.98
CA LEU B 97 -11.07 -24.51 2.11
CA LEU B 97 -11.07 -24.52 2.12
C LEU B 97 -9.81 -24.57 2.96
N ALA B 98 -8.88 -25.47 2.58
CA ALA B 98 -7.66 -25.73 3.35
C ALA B 98 -6.44 -25.09 2.70
N TYR B 99 -5.85 -24.11 3.36
CA TYR B 99 -4.62 -23.45 2.89
C TYR B 99 -3.53 -23.61 3.94
N GLU B 100 -2.30 -23.81 3.49
CA GLU B 100 -1.16 -23.81 4.40
C GLU B 100 -0.79 -22.37 4.75
N LEU B 101 0.03 -22.20 5.79
CA LEU B 101 0.43 -20.84 6.16
C LEU B 101 1.24 -20.16 5.07
N ASP B 102 2.07 -20.91 4.34
CA ASP B 102 2.83 -20.31 3.24
C ASP B 102 1.99 -20.11 1.99
N GLU B 103 0.70 -20.43 2.04
CA GLU B 103 -0.25 -20.12 0.98
C GLU B 103 -1.18 -18.97 1.33
N ILE B 104 -0.85 -18.19 2.37
CA ILE B 104 -1.71 -17.13 2.86
C ILE B 104 -0.91 -15.82 2.89
N THR B 105 -1.53 -14.73 2.46
CA THR B 105 -0.88 -13.42 2.45
C THR B 105 -1.85 -12.36 2.93
N VAL B 106 -1.32 -11.32 3.57
CA VAL B 106 -2.08 -10.21 4.14
C VAL B 106 -1.53 -8.90 3.58
N ALA B 107 -2.42 -7.98 3.19
CA ALA B 107 -1.99 -6.74 2.54
C ALA B 107 -2.83 -5.56 3.02
N THR B 108 -2.52 -4.38 2.51
CA THR B 108 -3.23 -3.15 2.89
C THR B 108 -4.52 -3.11 2.08
N GLY B 109 -5.53 -3.80 2.59
CA GLY B 109 -6.82 -3.94 1.92
C GLY B 109 -6.80 -5.02 0.86
N ALA B 110 -8.02 -5.52 0.55
CA ALA B 110 -8.14 -6.37 -0.64
C ALA B 110 -7.72 -5.64 -1.91
N LYS B 111 -7.80 -4.30 -1.91
CA LYS B 111 -7.24 -3.55 -3.03
CA LYS B 111 -7.23 -3.52 -3.00
C LYS B 111 -5.79 -3.94 -3.28
N GLN B 112 -4.96 -3.97 -2.23
CA GLN B 112 -3.56 -4.33 -2.47
C GLN B 112 -3.40 -5.80 -2.81
N ILE B 113 -4.26 -6.67 -2.27
CA ILE B 113 -4.21 -8.07 -2.70
C ILE B 113 -4.34 -8.15 -4.21
N LEU B 114 -5.36 -7.47 -4.77
CA LEU B 114 -5.59 -7.50 -6.21
C LEU B 114 -4.42 -6.88 -6.96
N PHE B 115 -3.97 -5.72 -6.52
CA PHE B 115 -2.81 -5.06 -7.11
C PHE B 115 -1.58 -5.96 -7.09
N ASN B 116 -1.23 -6.50 -5.91
CA ASN B 116 -0.04 -7.35 -5.82
C ASN B 116 -0.11 -8.54 -6.77
N ALA B 117 -1.29 -9.16 -6.88
CA ALA B 117 -1.43 -10.33 -7.74
C ALA B 117 -1.22 -9.98 -9.21
N MET B 118 -1.77 -8.84 -9.65
CA MET B 118 -1.57 -8.44 -11.03
C MET B 118 -0.11 -7.99 -11.25
N MET B 119 0.46 -7.25 -10.30
CA MET B 119 1.85 -6.83 -10.46
C MET B 119 2.79 -8.02 -10.46
N ALA B 120 2.47 -9.07 -9.69
CA ALA B 120 3.31 -10.26 -9.59
C ALA B 120 3.24 -11.14 -10.83
N SER B 121 2.26 -10.91 -11.74
CA SER B 121 1.99 -11.88 -12.81
CA SER B 121 1.99 -11.87 -12.81
C SER B 121 1.94 -11.28 -14.21
N LEU B 122 1.39 -10.07 -14.38
CA LEU B 122 1.12 -9.59 -15.73
C LEU B 122 2.33 -9.01 -16.44
N ASP B 123 2.56 -9.47 -17.69
CA ASP B 123 3.48 -8.86 -18.64
C ASP B 123 2.71 -8.09 -19.69
N PRO B 124 3.36 -7.18 -20.42
CA PRO B 124 2.63 -6.35 -21.40
C PRO B 124 1.82 -7.21 -22.35
N GLY B 125 0.55 -6.84 -22.52
CA GLY B 125 -0.32 -7.53 -23.44
C GLY B 125 -1.04 -8.73 -22.86
N ASP B 126 -0.73 -9.12 -21.63
CA ASP B 126 -1.46 -10.22 -21.00
C ASP B 126 -2.89 -9.79 -20.72
N GLU B 127 -3.84 -10.70 -20.96
CA GLU B 127 -5.26 -10.37 -20.90
C GLU B 127 -5.88 -10.88 -19.60
N VAL B 128 -6.80 -10.09 -19.06
CA VAL B 128 -7.58 -10.45 -17.87
C VAL B 128 -9.04 -10.34 -18.25
N ILE B 129 -9.77 -11.45 -18.17
CA ILE B 129 -11.19 -11.47 -18.52
C ILE B 129 -11.98 -10.91 -17.36
N ILE B 130 -12.76 -9.87 -17.62
CA ILE B 130 -13.56 -9.22 -16.58
C ILE B 130 -15.02 -9.22 -17.03
N PRO B 131 -15.88 -10.01 -16.39
CA PRO B 131 -17.32 -9.91 -16.67
C PRO B 131 -17.85 -8.54 -16.26
N THR B 132 -18.74 -7.99 -17.08
CA THR B 132 -19.41 -6.76 -16.75
C THR B 132 -20.91 -7.07 -16.61
N PRO B 133 -21.69 -6.19 -15.95
CA PRO B 133 -21.36 -4.90 -15.31
C PRO B 133 -20.27 -5.05 -14.29
N TYR B 134 -19.36 -4.07 -14.21
CA TYR B 134 -18.26 -4.20 -13.29
C TYR B 134 -17.80 -2.84 -12.81
N TRP B 135 -17.07 -2.81 -11.71
N TRP B 135 -16.90 -2.92 -11.84
CA TRP B 135 -16.52 -1.55 -11.25
CA TRP B 135 -16.22 -1.83 -11.11
C TRP B 135 -15.13 -1.38 -11.86
C TRP B 135 -14.97 -1.45 -11.91
N THR B 136 -14.92 -0.24 -12.50
CA THR B 136 -13.77 0.02 -13.36
C THR B 136 -12.45 0.03 -12.60
N SER B 137 -12.50 0.05 -11.27
CA SER B 137 -11.31 -0.14 -10.45
C SER B 137 -10.53 -1.39 -10.89
N TYR B 138 -11.22 -2.47 -11.23
CA TYR B 138 -10.53 -3.69 -11.69
C TYR B 138 -9.72 -3.43 -12.96
N SER B 139 -10.32 -2.74 -13.95
CA SER B 139 -9.56 -2.56 -15.19
C SER B 139 -8.44 -1.55 -15.02
N ASP B 140 -8.60 -0.56 -14.12
CA ASP B 140 -7.52 0.38 -13.84
C ASP B 140 -6.31 -0.35 -13.24
N ILE B 141 -6.53 -1.32 -12.34
CA ILE B 141 -5.43 -2.11 -11.80
C ILE B 141 -4.74 -2.89 -12.92
N VAL B 142 -5.52 -3.51 -13.79
CA VAL B 142 -4.93 -4.25 -14.91
C VAL B 142 -4.10 -3.32 -15.79
N HIS B 143 -4.62 -2.12 -16.08
CA HIS B 143 -3.90 -1.17 -16.93
C HIS B 143 -2.57 -0.75 -16.34
N ILE B 144 -2.53 -0.44 -15.03
CA ILE B 144 -1.28 0.03 -14.46
C ILE B 144 -0.23 -1.08 -14.44
N CYS B 145 -0.66 -2.34 -14.51
CA CYS B 145 0.23 -3.49 -14.63
C CYS B 145 0.50 -3.86 -16.09
N GLU B 146 0.12 -2.99 -17.03
CA GLU B 146 0.40 -3.13 -18.46
C GLU B 146 -0.35 -4.29 -19.09
N GLY B 147 -1.40 -4.79 -18.44
CA GLY B 147 -2.22 -5.83 -19.01
C GLY B 147 -3.37 -5.24 -19.82
N LYS B 148 -4.12 -6.13 -20.45
CA LYS B 148 -5.25 -5.74 -21.30
C LYS B 148 -6.54 -6.27 -20.70
N PRO B 149 -7.43 -5.41 -20.19
CA PRO B 149 -8.74 -5.87 -19.72
C PRO B 149 -9.57 -6.34 -20.89
N VAL B 150 -10.22 -7.48 -20.74
CA VAL B 150 -11.10 -8.03 -21.77
C VAL B 150 -12.49 -8.09 -21.15
N LEU B 151 -13.36 -7.16 -21.53
CA LEU B 151 -14.66 -7.00 -20.89
C LEU B 151 -15.70 -7.85 -21.59
N ILE B 152 -16.46 -8.62 -20.81
CA ILE B 152 -17.47 -9.54 -21.33
C ILE B 152 -18.81 -9.17 -20.70
N ALA B 153 -19.70 -8.59 -21.51
CA ALA B 153 -20.97 -8.10 -20.98
C ALA B 153 -21.91 -9.26 -20.69
N CYS B 154 -22.49 -9.26 -19.49
CA CYS B 154 -23.45 -10.27 -19.05
C CYS B 154 -24.73 -9.56 -18.66
N ASP B 155 -25.81 -9.80 -19.40
CA ASP B 155 -27.01 -9.02 -19.19
C ASP B 155 -27.98 -9.77 -18.26
N ALA B 156 -29.19 -9.21 -18.10
CA ALA B 156 -30.16 -9.78 -17.17
C ALA B 156 -30.54 -11.21 -17.54
N SER B 157 -30.39 -11.60 -18.81
CA SER B 157 -30.81 -12.94 -19.23
C SER B 157 -30.00 -14.03 -18.56
N SER B 158 -28.80 -13.72 -18.04
CA SER B 158 -28.06 -14.67 -17.21
C SER B 158 -27.90 -14.15 -15.79
N GLY B 159 -28.82 -13.28 -15.34
CA GLY B 159 -28.70 -12.70 -14.02
C GLY B 159 -27.43 -11.92 -13.80
N PHE B 160 -26.90 -11.31 -14.87
CA PHE B 160 -25.63 -10.57 -14.86
C PHE B 160 -24.43 -11.46 -14.55
N ARG B 161 -24.54 -12.77 -14.79
CA ARG B 161 -23.45 -13.70 -14.52
C ARG B 161 -22.82 -14.20 -15.82
N LEU B 162 -21.55 -14.56 -15.73
CA LEU B 162 -20.83 -15.14 -16.86
C LEU B 162 -21.35 -16.55 -17.14
N THR B 163 -21.45 -16.91 -18.43
CA THR B 163 -21.83 -18.26 -18.83
C THR B 163 -20.61 -19.01 -19.37
N ALA B 164 -20.72 -20.35 -19.39
CA ALA B 164 -19.63 -21.17 -19.90
C ALA B 164 -19.32 -20.82 -21.35
N GLU B 165 -20.36 -20.62 -22.17
CA GLU B 165 -20.14 -20.32 -23.58
C GLU B 165 -19.39 -19.00 -23.76
N LYS B 166 -19.76 -17.97 -23.00
CA LYS B 166 -19.10 -16.66 -23.12
C LYS B 166 -17.66 -16.71 -22.61
N LEU B 167 -17.42 -17.43 -21.51
CA LEU B 167 -16.06 -17.57 -21.01
C LEU B 167 -15.18 -18.26 -22.04
N GLU B 168 -15.66 -19.37 -22.61
CA GLU B 168 -14.86 -20.10 -23.59
C GLU B 168 -14.52 -19.20 -24.78
N ALA B 169 -15.49 -18.44 -25.27
CA ALA B 169 -15.24 -17.59 -26.43
C ALA B 169 -14.32 -16.41 -26.09
N ALA B 170 -14.26 -16.00 -24.82
CA ALA B 170 -13.41 -14.87 -24.41
C ALA B 170 -11.96 -15.25 -24.21
N ILE B 171 -11.65 -16.54 -24.04
CA ILE B 171 -10.26 -16.96 -23.80
C ILE B 171 -9.50 -16.93 -25.11
N THR B 172 -8.29 -16.37 -25.07
CA THR B 172 -7.41 -16.22 -26.22
C THR B 172 -6.03 -16.74 -25.82
N PRO B 173 -5.09 -16.80 -26.77
CA PRO B 173 -3.71 -17.14 -26.39
C PRO B 173 -3.10 -16.25 -25.31
N ARG B 174 -3.59 -15.02 -25.14
CA ARG B 174 -2.98 -14.09 -24.18
C ARG B 174 -3.70 -14.06 -22.84
N THR B 175 -4.79 -14.81 -22.67
CA THR B 175 -5.52 -14.82 -21.41
C THR B 175 -4.63 -15.35 -20.29
N ARG B 176 -4.48 -14.57 -19.22
CA ARG B 176 -3.77 -15.05 -18.04
C ARG B 176 -4.67 -15.27 -16.83
N TRP B 177 -5.75 -14.49 -16.73
CA TRP B 177 -6.64 -14.54 -15.59
C TRP B 177 -8.09 -14.37 -16.03
N VAL B 178 -8.99 -14.91 -15.21
CA VAL B 178 -10.40 -14.55 -15.25
C VAL B 178 -10.77 -14.07 -13.86
N LEU B 179 -11.44 -12.92 -13.79
CA LEU B 179 -11.92 -12.37 -12.53
C LEU B 179 -13.32 -12.91 -12.27
N LEU B 180 -13.51 -13.50 -11.09
CA LEU B 180 -14.81 -14.01 -10.65
C LEU B 180 -15.13 -13.30 -9.34
N ASN B 181 -15.99 -12.30 -9.38
CA ASN B 181 -16.33 -11.46 -8.23
C ASN B 181 -17.80 -11.66 -7.87
N SER B 182 -18.06 -12.28 -6.72
CA SER B 182 -19.42 -12.65 -6.34
CA SER B 182 -19.42 -12.60 -6.34
C SER B 182 -19.57 -12.62 -4.82
N PRO B 183 -20.58 -11.90 -4.28
CA PRO B 183 -21.50 -10.96 -4.94
C PRO B 183 -20.72 -9.78 -5.50
N SER B 184 -21.27 -9.04 -6.45
CA SER B 184 -20.48 -8.03 -7.12
C SER B 184 -21.10 -6.64 -6.97
N ASN B 185 -20.22 -5.65 -7.12
CA ASN B 185 -20.60 -4.28 -7.36
C ASN B 185 -20.60 -4.07 -8.88
N PRO B 186 -21.69 -3.62 -9.50
CA PRO B 186 -22.93 -3.00 -9.06
C PRO B 186 -24.20 -3.85 -9.04
N SER B 187 -24.17 -5.10 -9.52
CA SER B 187 -25.40 -5.85 -9.67
CA SER B 187 -25.42 -5.84 -9.68
C SER B 187 -25.80 -6.64 -8.44
N GLY B 188 -24.88 -6.87 -7.52
CA GLY B 188 -25.21 -7.71 -6.38
C GLY B 188 -25.42 -9.17 -6.72
N ALA B 189 -25.02 -9.60 -7.91
CA ALA B 189 -25.27 -10.97 -8.36
C ALA B 189 -24.28 -11.93 -7.72
N ALA B 190 -24.78 -13.10 -7.34
CA ALA B 190 -23.94 -14.13 -6.75
C ALA B 190 -24.06 -15.43 -7.55
N TYR B 191 -22.99 -16.21 -7.55
CA TYR B 191 -22.97 -17.52 -8.19
C TYR B 191 -23.25 -18.61 -7.16
N SER B 192 -24.28 -19.40 -7.41
CA SER B 192 -24.46 -20.65 -6.68
C SER B 192 -23.47 -21.68 -7.22
N ALA B 193 -23.39 -22.83 -6.52
CA ALA B 193 -22.58 -23.92 -7.04
C ALA B 193 -23.02 -24.31 -8.44
N ALA B 194 -24.34 -24.43 -8.66
CA ALA B 194 -24.86 -24.70 -10.00
C ALA B 194 -24.41 -23.64 -11.00
N ASP B 195 -24.39 -22.37 -10.60
CA ASP B 195 -23.94 -21.31 -11.50
C ASP B 195 -22.46 -21.45 -11.84
N TYR B 196 -21.65 -21.78 -10.83
CA TYR B 196 -20.20 -21.83 -11.04
C TYR B 196 -19.79 -23.05 -11.88
N ARG B 197 -20.42 -24.21 -11.65
CA ARG B 197 -19.91 -25.47 -12.18
C ARG B 197 -19.60 -25.44 -13.68
N PRO B 198 -20.48 -24.94 -14.56
CA PRO B 198 -20.12 -24.96 -15.99
C PRO B 198 -18.91 -24.10 -16.29
N LEU B 199 -18.73 -22.99 -15.57
CA LEU B 199 -17.55 -22.15 -15.75
C LEU B 199 -16.28 -22.87 -15.29
N LEU B 200 -16.36 -23.59 -14.18
CA LEU B 200 -15.18 -24.31 -13.70
C LEU B 200 -14.82 -25.45 -14.62
N GLU B 201 -15.83 -26.08 -15.26
CA GLU B 201 -15.53 -27.10 -16.26
CA GLU B 201 -15.55 -27.09 -16.27
C GLU B 201 -14.75 -26.51 -17.43
N VAL B 202 -15.11 -25.30 -17.86
CA VAL B 202 -14.36 -24.65 -18.93
C VAL B 202 -12.91 -24.42 -18.48
N LEU B 203 -12.74 -23.91 -17.26
CA LEU B 203 -11.40 -23.57 -16.78
C LEU B 203 -10.54 -24.81 -16.58
N LEU B 204 -11.13 -25.96 -16.23
CA LEU B 204 -10.34 -27.18 -16.12
C LEU B 204 -9.67 -27.52 -17.44
N ARG B 205 -10.23 -27.09 -18.56
CA ARG B 205 -9.64 -27.37 -19.86
C ARG B 205 -8.64 -26.32 -20.31
N HIS B 206 -8.41 -25.27 -19.51
CA HIS B 206 -7.48 -24.19 -19.84
C HIS B 206 -6.51 -24.00 -18.68
N PRO B 207 -5.54 -24.90 -18.53
CA PRO B 207 -4.65 -24.84 -17.35
C PRO B 207 -3.78 -23.59 -17.25
N HIS B 208 -3.57 -22.84 -18.32
CA HIS B 208 -2.78 -21.62 -18.19
C HIS B 208 -3.61 -20.42 -17.72
N VAL B 209 -4.92 -20.54 -17.60
CA VAL B 209 -5.75 -19.44 -17.14
C VAL B 209 -5.95 -19.56 -15.64
N TRP B 210 -5.51 -18.56 -14.89
CA TRP B 210 -5.67 -18.57 -13.44
C TRP B 210 -6.97 -17.86 -13.05
N LEU B 211 -7.45 -18.15 -11.84
CA LEU B 211 -8.73 -17.61 -11.34
C LEU B 211 -8.46 -16.58 -10.27
N LEU B 212 -8.93 -15.35 -10.49
CA LEU B 212 -8.85 -14.28 -9.50
C LEU B 212 -10.24 -14.16 -8.88
N VAL B 213 -10.40 -14.67 -7.65
CA VAL B 213 -11.69 -14.79 -6.99
C VAL B 213 -11.79 -13.72 -5.91
N ASP B 214 -12.75 -12.80 -6.07
CA ASP B 214 -12.95 -11.69 -5.14
C ASP B 214 -14.24 -11.95 -4.34
N ASP B 215 -14.08 -12.50 -3.14
CA ASP B 215 -15.18 -12.90 -2.27
C ASP B 215 -15.51 -11.83 -1.22
N MET B 216 -15.16 -10.57 -1.47
CA MET B 216 -15.27 -9.55 -0.43
C MET B 216 -16.69 -9.39 0.12
N TYR B 217 -17.73 -9.64 -0.68
CA TYR B 217 -19.10 -9.49 -0.17
C TYR B 217 -19.70 -10.79 0.36
N GLU B 218 -18.87 -11.80 0.63
CA GLU B 218 -19.29 -13.10 1.16
C GLU B 218 -20.34 -13.00 2.26
N HIS B 219 -20.13 -12.08 3.20
CA HIS B 219 -20.95 -12.03 4.40
C HIS B 219 -22.05 -10.97 4.31
N ILE B 220 -22.35 -10.51 3.10
CA ILE B 220 -23.56 -9.74 2.88
C ILE B 220 -24.31 -10.43 1.75
N VAL B 221 -24.98 -11.54 2.08
CA VAL B 221 -25.77 -12.31 1.12
C VAL B 221 -27.14 -12.54 1.74
N TYR B 222 -28.15 -12.58 0.87
CA TYR B 222 -29.54 -12.52 1.32
C TYR B 222 -30.29 -13.83 1.09
N ASP B 223 -31.48 -13.88 1.68
CA ASP B 223 -32.48 -14.92 1.41
C ASP B 223 -31.95 -16.33 1.72
N GLY B 224 -30.96 -16.43 2.61
CA GLY B 224 -30.41 -17.74 2.97
C GLY B 224 -29.44 -18.32 1.98
N PHE B 225 -28.97 -17.53 1.01
CA PHE B 225 -27.98 -17.98 0.03
C PHE B 225 -26.80 -18.65 0.71
N ARG B 226 -26.44 -19.84 0.20
CA ARG B 226 -25.28 -20.60 0.68
C ARG B 226 -24.05 -20.20 -0.14
N PHE B 227 -23.18 -19.39 0.45
CA PHE B 227 -22.01 -18.92 -0.29
C PHE B 227 -21.03 -20.06 -0.56
N VAL B 228 -20.53 -20.14 -1.80
CA VAL B 228 -19.49 -21.08 -2.19
C VAL B 228 -18.41 -20.33 -2.96
N THR B 229 -17.25 -20.95 -3.11
CA THR B 229 -16.14 -20.30 -3.79
C THR B 229 -15.41 -21.33 -4.63
N PRO B 230 -14.88 -20.93 -5.78
CA PRO B 230 -14.39 -21.92 -6.76
C PRO B 230 -13.31 -22.89 -6.25
N ALA B 231 -12.33 -22.44 -5.45
CA ALA B 231 -11.31 -23.38 -5.01
C ALA B 231 -11.88 -24.44 -4.07
N GLN B 232 -13.00 -24.15 -3.41
CA GLN B 232 -13.72 -25.14 -2.62
C GLN B 232 -14.47 -26.12 -3.52
N LEU B 233 -15.19 -25.59 -4.52
CA LEU B 233 -16.04 -26.43 -5.37
C LEU B 233 -15.21 -27.37 -6.24
N GLU B 234 -14.05 -26.91 -6.72
CA GLU B 234 -13.29 -27.63 -7.73
C GLU B 234 -11.84 -27.73 -7.28
N PRO B 235 -11.48 -28.79 -6.56
CA PRO B 235 -10.07 -28.99 -6.17
C PRO B 235 -9.11 -28.96 -7.35
N GLY B 236 -9.57 -29.32 -8.55
CA GLY B 236 -8.71 -29.30 -9.73
C GLY B 236 -8.26 -27.92 -10.16
N LEU B 237 -8.82 -26.87 -9.57
CA LEU B 237 -8.43 -25.50 -9.88
C LEU B 237 -7.74 -24.81 -8.72
N LYS B 238 -7.63 -25.48 -7.57
CA LYS B 238 -7.05 -24.86 -6.38
C LYS B 238 -5.61 -24.42 -6.61
N ASN B 239 -4.87 -25.16 -7.44
CA ASN B 239 -3.46 -24.82 -7.67
C ASN B 239 -3.28 -23.67 -8.68
N ARG B 240 -4.36 -23.01 -9.12
CA ARG B 240 -4.22 -21.81 -9.94
C ARG B 240 -5.35 -20.83 -9.64
N THR B 241 -5.78 -20.76 -8.39
CA THR B 241 -6.82 -19.84 -7.93
C THR B 241 -6.28 -18.99 -6.80
N LEU B 242 -6.49 -17.69 -6.88
CA LEU B 242 -6.24 -16.80 -5.74
C LEU B 242 -7.59 -16.43 -5.14
N THR B 243 -7.84 -16.89 -3.91
CA THR B 243 -9.10 -16.61 -3.22
C THR B 243 -8.91 -15.35 -2.37
N VAL B 244 -9.49 -14.24 -2.82
CA VAL B 244 -9.30 -12.93 -2.21
C VAL B 244 -10.46 -12.62 -1.28
N ASN B 245 -10.15 -12.13 -0.08
CA ASN B 245 -11.16 -11.75 0.90
C ASN B 245 -10.56 -10.68 1.81
N GLY B 246 -11.28 -10.32 2.88
CA GLY B 246 -10.82 -9.24 3.73
C GLY B 246 -11.88 -8.87 4.75
N VAL B 247 -11.50 -7.98 5.67
CA VAL B 247 -12.41 -7.59 6.74
C VAL B 247 -13.26 -6.36 6.41
N SER B 248 -12.94 -5.63 5.33
CA SER B 248 -13.60 -4.34 5.07
C SER B 248 -15.14 -4.36 5.13
N LYS B 249 -15.75 -5.24 4.34
CA LYS B 249 -17.21 -5.25 4.21
C LYS B 249 -17.82 -6.11 5.27
N ALA B 250 -17.25 -7.29 5.50
CA ALA B 250 -17.85 -8.23 6.46
C ALA B 250 -17.97 -7.61 7.86
N TYR B 251 -16.95 -6.86 8.26
CA TYR B 251 -16.88 -6.35 9.63
C TYR B 251 -16.96 -4.83 9.71
N ALA B 252 -17.29 -4.16 8.61
CA ALA B 252 -17.30 -2.69 8.55
C ALA B 252 -15.96 -2.15 9.06
N MET B 253 -14.89 -2.57 8.39
CA MET B 253 -13.54 -2.21 8.77
C MET B 253 -12.79 -1.57 7.59
N THR B 254 -13.51 -0.83 6.75
CA THR B 254 -12.88 -0.28 5.55
C THR B 254 -11.72 0.65 5.89
N GLY B 255 -11.83 1.40 6.98
CA GLY B 255 -10.74 2.30 7.35
C GLY B 255 -9.48 1.61 7.82
N TRP B 256 -9.57 0.34 8.20
CA TRP B 256 -8.42 -0.35 8.80
C TRP B 256 -7.43 -0.87 7.75
N ARG B 257 -7.89 -1.14 6.53
CA ARG B 257 -7.05 -1.58 5.39
C ARG B 257 -6.34 -2.91 5.69
N ILE B 258 -7.14 -3.97 5.76
CA ILE B 258 -6.60 -5.33 5.84
C ILE B 258 -7.37 -6.22 4.86
N GLY B 259 -6.69 -6.70 3.82
CA GLY B 259 -7.18 -7.76 2.97
C GLY B 259 -6.27 -8.97 3.05
N TYR B 260 -6.73 -10.09 2.53
CA TYR B 260 -5.90 -11.29 2.55
C TYR B 260 -6.29 -12.22 1.42
N ALA B 261 -5.50 -13.27 1.24
CA ALA B 261 -5.80 -14.24 0.20
C ALA B 261 -5.18 -15.58 0.54
N GLY B 262 -5.77 -16.62 -0.02
CA GLY B 262 -5.15 -17.93 -0.07
C GLY B 262 -4.88 -18.32 -1.51
N GLY B 263 -3.70 -18.87 -1.77
CA GLY B 263 -3.39 -19.31 -3.12
C GLY B 263 -2.08 -20.07 -3.19
N PRO B 264 -1.66 -20.43 -4.40
CA PRO B 264 -0.46 -21.25 -4.57
C PRO B 264 0.78 -20.54 -4.05
N ARG B 265 1.67 -21.31 -3.40
CA ARG B 265 2.78 -20.70 -2.67
C ARG B 265 3.67 -19.86 -3.59
N GLU B 266 3.87 -20.28 -4.83
CA GLU B 266 4.77 -19.51 -5.70
C GLU B 266 4.16 -18.16 -6.06
N LEU B 267 2.84 -18.10 -6.21
CA LEU B 267 2.18 -16.80 -6.41
C LEU B 267 2.26 -15.95 -5.15
N ILE B 268 1.99 -16.56 -3.99
CA ILE B 268 2.10 -15.86 -2.71
C ILE B 268 3.51 -15.29 -2.53
N LYS B 269 4.53 -16.05 -2.93
CA LYS B 269 5.90 -15.57 -2.84
C LYS B 269 6.14 -14.37 -3.76
N ALA B 270 5.64 -14.42 -4.99
CA ALA B 270 5.80 -13.30 -5.91
C ALA B 270 5.05 -12.06 -5.40
N MET B 271 3.88 -12.26 -4.79
CA MET B 271 3.12 -11.15 -4.25
C MET B 271 3.86 -10.47 -3.11
N ALA B 272 4.60 -11.25 -2.31
CA ALA B 272 5.41 -10.66 -1.25
C ALA B 272 6.55 -9.84 -1.83
N VAL B 273 7.10 -10.22 -2.98
CA VAL B 273 8.11 -9.37 -3.62
C VAL B 273 7.51 -8.02 -3.96
N VAL B 274 6.31 -8.01 -4.56
CA VAL B 274 5.64 -6.74 -4.87
C VAL B 274 5.38 -5.95 -3.59
N GLN B 275 4.85 -6.64 -2.58
CA GLN B 275 4.49 -5.97 -1.33
C GLN B 275 5.72 -5.33 -0.67
N SER B 276 6.89 -5.97 -0.80
CA SER B 276 8.09 -5.41 -0.23
C SER B 276 8.48 -4.10 -0.90
N GLN B 277 8.11 -3.90 -2.17
CA GLN B 277 8.40 -2.64 -2.86
C GLN B 277 7.33 -1.58 -2.61
N ALA B 278 6.09 -2.01 -2.45
CA ALA B 278 4.94 -1.10 -2.44
C ALA B 278 4.64 -0.53 -1.06
N THR B 279 4.69 -1.34 0.00
CA THR B 279 4.11 -0.94 1.29
C THR B 279 4.88 -1.45 2.51
N SER B 280 5.69 -2.48 2.34
CA SER B 280 6.14 -3.32 3.45
C SER B 280 4.88 -3.91 4.11
N CYS B 281 4.96 -4.28 5.40
CA CYS B 281 3.83 -4.95 6.04
C CYS B 281 2.63 -4.00 6.19
N PRO B 282 1.40 -4.52 6.22
CA PRO B 282 0.27 -3.68 6.60
C PRO B 282 0.32 -3.37 8.09
N SER B 283 -0.49 -2.40 8.49
CA SER B 283 -0.47 -1.90 9.87
C SER B 283 -0.55 -3.03 10.88
N SER B 284 0.38 -3.02 11.85
CA SER B 284 0.35 -4.04 12.90
C SER B 284 -0.91 -3.92 13.75
N ILE B 285 -1.41 -2.70 13.95
CA ILE B 285 -2.61 -2.48 14.75
C ILE B 285 -3.84 -3.03 14.04
N SER B 286 -3.99 -2.72 12.75
CA SER B 286 -5.11 -3.28 11.99
C SER B 286 -5.03 -4.80 11.92
N GLN B 287 -3.82 -5.35 11.76
CA GLN B 287 -3.68 -6.82 11.79
C GLN B 287 -4.18 -7.41 13.09
N ALA B 288 -3.80 -6.80 14.23
CA ALA B 288 -4.25 -7.33 15.51
C ALA B 288 -5.76 -7.23 15.64
N ALA B 289 -6.35 -6.12 15.19
CA ALA B 289 -7.80 -6.02 15.15
C ALA B 289 -8.40 -7.13 14.31
N SER B 290 -7.78 -7.44 13.16
CA SER B 290 -8.37 -8.41 12.25
C SER B 290 -8.31 -9.84 12.78
N VAL B 291 -7.31 -10.15 13.61
CA VAL B 291 -7.26 -11.46 14.25
C VAL B 291 -8.55 -11.70 15.01
N VAL B 292 -8.98 -10.72 15.79
CA VAL B 292 -10.15 -10.89 16.63
C VAL B 292 -11.44 -10.77 15.81
N ALA B 293 -11.45 -9.96 14.75
CA ALA B 293 -12.59 -9.96 13.84
C ALA B 293 -12.88 -11.38 13.32
N LEU B 294 -11.82 -12.07 12.89
CA LEU B 294 -11.98 -13.42 12.32
C LEU B 294 -12.23 -14.48 13.40
N ASN B 295 -11.53 -14.39 14.53
CA ASN B 295 -11.58 -15.42 15.56
C ASN B 295 -12.74 -15.25 16.53
N GLY B 296 -13.33 -14.06 16.63
CA GLY B 296 -14.31 -13.79 17.64
C GLY B 296 -15.71 -14.22 17.25
N PRO B 297 -16.68 -13.83 18.07
CA PRO B 297 -18.08 -14.19 17.77
C PRO B 297 -18.51 -13.59 16.44
N GLN B 298 -19.36 -14.35 15.71
CA GLN B 298 -19.85 -13.95 14.40
C GLN B 298 -21.36 -13.74 14.35
N ASP B 299 -22.08 -13.93 15.47
CA ASP B 299 -23.54 -13.90 15.42
C ASP B 299 -24.06 -12.52 15.08
N PHE B 300 -23.33 -11.46 15.40
CA PHE B 300 -23.76 -10.11 15.06
C PHE B 300 -23.98 -9.94 13.57
N LEU B 301 -23.36 -10.77 12.72
CA LEU B 301 -23.51 -10.63 11.28
C LEU B 301 -24.95 -10.83 10.84
N LYS B 302 -25.71 -11.66 11.56
CA LYS B 302 -27.08 -11.97 11.16
C LYS B 302 -27.95 -10.71 11.17
N GLU B 303 -27.84 -9.92 12.25
CA GLU B 303 -28.66 -8.72 12.38
C GLU B 303 -28.28 -7.68 11.34
N ARG B 304 -27.00 -7.57 11.01
CA ARG B 304 -26.60 -6.62 9.97
C ARG B 304 -27.12 -7.04 8.61
N THR B 305 -27.05 -8.34 8.31
CA THR B 305 -27.61 -8.86 7.06
C THR B 305 -29.11 -8.58 6.97
N GLU B 306 -29.83 -8.81 8.07
CA GLU B 306 -31.27 -8.54 8.08
C GLU B 306 -31.57 -7.05 7.87
N SER B 307 -30.73 -6.17 8.42
CA SER B 307 -30.90 -4.74 8.21
C SER B 307 -30.68 -4.37 6.75
N PHE B 308 -29.59 -4.87 6.15
CA PHE B 308 -29.34 -4.63 4.74
C PHE B 308 -30.47 -5.19 3.87
N GLN B 309 -30.96 -6.39 4.20
CA GLN B 309 -31.99 -6.99 3.37
C GLN B 309 -33.30 -6.20 3.43
N ARG B 310 -33.63 -5.66 4.61
CA ARG B 310 -34.80 -4.79 4.71
CA ARG B 310 -34.80 -4.79 4.72
C ARG B 310 -34.66 -3.57 3.82
N ARG B 311 -33.45 -3.02 3.72
CA ARG B 311 -33.23 -1.87 2.86
C ARG B 311 -33.18 -2.26 1.39
N ARG B 312 -32.62 -3.43 1.07
CA ARG B 312 -32.72 -3.95 -0.29
C ARG B 312 -34.17 -3.98 -0.74
N ASP B 313 -35.04 -4.64 0.04
CA ASP B 313 -36.45 -4.77 -0.34
C ASP B 313 -37.10 -3.40 -0.50
N LEU B 314 -36.77 -2.46 0.38
CA LEU B 314 -37.32 -1.12 0.28
C LEU B 314 -37.01 -0.50 -1.07
N VAL B 315 -35.77 -0.63 -1.55
CA VAL B 315 -35.38 -0.03 -2.83
C VAL B 315 -36.00 -0.80 -3.99
N VAL B 316 -35.89 -2.13 -3.98
CA VAL B 316 -36.43 -2.93 -5.07
C VAL B 316 -37.93 -2.68 -5.22
N ASN B 317 -38.68 -2.72 -4.11
CA ASN B 317 -40.12 -2.53 -4.18
C ASN B 317 -40.46 -1.08 -4.54
N GLY B 318 -39.67 -0.14 -4.03
CA GLY B 318 -39.88 1.26 -4.39
C GLY B 318 -39.73 1.51 -5.87
N LEU B 319 -38.66 0.96 -6.47
CA LEU B 319 -38.42 1.19 -7.90
C LEU B 319 -39.43 0.47 -8.76
N ASN B 320 -39.84 -0.74 -8.36
CA ASN B 320 -40.82 -1.45 -9.18
C ASN B 320 -42.22 -0.88 -9.08
N ALA B 321 -42.45 0.14 -8.26
CA ALA B 321 -43.70 0.87 -8.25
C ALA B 321 -43.65 2.14 -9.11
N ILE B 322 -42.54 2.38 -9.81
CA ILE B 322 -42.31 3.59 -10.58
C ILE B 322 -42.36 3.23 -12.06
N ASP B 323 -43.26 3.87 -12.81
CA ASP B 323 -43.41 3.58 -14.23
C ASP B 323 -42.10 3.81 -14.97
N GLY B 324 -41.70 2.83 -15.78
CA GLY B 324 -40.49 2.92 -16.58
C GLY B 324 -39.32 2.13 -16.04
N LEU B 325 -39.40 1.62 -14.81
CA LEU B 325 -38.28 0.95 -14.17
C LEU B 325 -38.61 -0.52 -13.93
N ASP B 326 -37.59 -1.38 -14.00
CA ASP B 326 -37.74 -2.79 -13.68
C ASP B 326 -36.49 -3.27 -12.95
N CYS B 327 -36.62 -3.57 -11.67
CA CYS B 327 -35.49 -3.81 -10.78
C CYS B 327 -35.49 -5.27 -10.34
N ARG B 328 -34.41 -5.98 -10.65
CA ARG B 328 -34.21 -7.33 -10.14
C ARG B 328 -33.77 -7.29 -8.68
N VAL B 329 -33.94 -8.42 -7.99
CA VAL B 329 -33.60 -8.55 -6.59
C VAL B 329 -32.14 -8.99 -6.48
N PRO B 330 -31.25 -8.16 -5.94
CA PRO B 330 -29.85 -8.57 -5.84
C PRO B 330 -29.68 -9.66 -4.79
N GLU B 331 -28.72 -10.55 -5.03
CA GLU B 331 -28.46 -11.66 -4.12
C GLU B 331 -27.49 -11.33 -2.99
N GLY B 332 -26.73 -10.25 -3.12
CA GLY B 332 -25.75 -9.91 -2.10
C GLY B 332 -25.20 -8.53 -2.36
N ALA B 333 -24.22 -8.15 -1.54
CA ALA B 333 -23.69 -6.78 -1.51
C ALA B 333 -24.80 -5.80 -1.16
N PHE B 334 -24.61 -4.49 -1.36
CA PHE B 334 -25.63 -3.52 -0.98
C PHE B 334 -25.94 -2.54 -2.12
N TYR B 335 -26.10 -3.08 -3.33
CA TYR B 335 -26.44 -2.29 -4.51
C TYR B 335 -27.63 -2.89 -5.24
N THR B 336 -28.49 -2.04 -5.77
CA THR B 336 -29.44 -2.44 -6.81
C THR B 336 -28.95 -1.94 -8.17
N PHE B 337 -29.31 -2.67 -9.22
CA PHE B 337 -28.93 -2.32 -10.59
C PHE B 337 -30.21 -2.39 -11.44
N SER B 338 -31.10 -1.44 -11.20
CA SER B 338 -32.42 -1.48 -11.83
C SER B 338 -32.33 -1.16 -13.32
N GLY B 339 -33.13 -1.85 -14.11
CA GLY B 339 -33.29 -1.45 -15.49
C GLY B 339 -34.09 -0.17 -15.60
N CYS B 340 -33.84 0.59 -16.67
CA CYS B 340 -34.62 1.79 -16.94
C CYS B 340 -34.93 1.93 -18.43
N ALA B 341 -35.08 0.80 -19.15
CA ALA B 341 -35.45 0.89 -20.56
C ALA B 341 -36.75 1.67 -20.74
N GLY B 342 -37.65 1.61 -19.77
CA GLY B 342 -38.97 2.20 -19.91
C GLY B 342 -39.00 3.72 -19.91
N VAL B 343 -37.91 4.38 -19.51
CA VAL B 343 -37.87 5.84 -19.54
C VAL B 343 -37.18 6.38 -20.79
N LEU B 344 -36.52 5.53 -21.57
CA LEU B 344 -35.83 6.02 -22.75
C LEU B 344 -36.84 6.49 -23.79
N GLY B 345 -36.52 7.60 -24.46
CA GLY B 345 -37.43 8.20 -25.40
C GLY B 345 -38.37 9.23 -24.80
N LYS B 346 -38.45 9.32 -23.48
CA LYS B 346 -39.31 10.31 -22.85
C LYS B 346 -38.60 11.66 -22.79
N VAL B 347 -39.38 12.71 -22.54
CA VAL B 347 -38.88 14.08 -22.55
C VAL B 347 -39.04 14.68 -21.16
N THR B 348 -38.02 15.38 -20.70
CA THR B 348 -38.08 16.07 -19.42
C THR B 348 -38.96 17.31 -19.52
N PRO B 349 -39.40 17.86 -18.38
CA PRO B 349 -40.16 19.11 -18.43
C PRO B 349 -39.43 20.24 -19.14
N SER B 350 -38.11 20.26 -19.09
CA SER B 350 -37.32 21.30 -19.76
CA SER B 350 -37.34 21.31 -19.76
C SER B 350 -37.12 21.04 -21.25
N GLY B 351 -37.59 19.91 -21.76
CA GLY B 351 -37.49 19.62 -23.18
C GLY B 351 -36.40 18.65 -23.59
N LYS B 352 -35.66 18.09 -22.65
CA LYS B 352 -34.56 17.19 -22.97
C LYS B 352 -35.06 15.77 -23.24
N ARG B 353 -34.63 15.20 -24.37
CA ARG B 353 -34.94 13.81 -24.69
C ARG B 353 -34.00 12.87 -23.94
N ILE B 354 -34.58 11.91 -23.22
CA ILE B 354 -33.81 10.93 -22.45
C ILE B 354 -33.44 9.79 -23.41
N LYS B 355 -32.22 9.81 -23.94
CA LYS B 355 -31.81 8.81 -24.91
C LYS B 355 -31.09 7.63 -24.28
N THR B 356 -30.37 7.85 -23.19
CA THR B 356 -29.51 6.84 -22.56
C THR B 356 -29.77 6.79 -21.06
N ASP B 357 -29.27 5.73 -20.41
CA ASP B 357 -29.29 5.73 -18.96
C ASP B 357 -28.44 6.86 -18.39
N THR B 358 -27.37 7.25 -19.10
CA THR B 358 -26.61 8.44 -18.72
C THR B 358 -27.51 9.67 -18.67
N ASP B 359 -28.29 9.92 -19.73
CA ASP B 359 -29.23 11.05 -19.72
C ASP B 359 -30.18 10.96 -18.54
N PHE B 360 -30.71 9.77 -18.27
CA PHE B 360 -31.69 9.61 -17.21
C PHE B 360 -31.10 9.93 -15.84
N CYS B 361 -29.88 9.45 -15.57
CA CYS B 361 -29.25 9.74 -14.30
C CYS B 361 -28.91 11.22 -14.17
N ALA B 362 -28.53 11.87 -15.27
CA ALA B 362 -28.24 13.30 -15.20
C ALA B 362 -29.50 14.09 -14.89
N TYR B 363 -30.65 13.63 -15.40
CA TYR B 363 -31.94 14.24 -15.07
C TYR B 363 -32.30 14.04 -13.60
N LEU B 364 -32.10 12.82 -13.07
CA LEU B 364 -32.35 12.59 -11.65
C LEU B 364 -31.47 13.50 -10.79
N LEU B 365 -30.22 13.68 -11.20
CA LEU B 365 -29.33 14.54 -10.42
C LEU B 365 -29.78 16.00 -10.47
N GLU B 366 -29.92 16.55 -11.66
CA GLU B 366 -30.20 17.99 -11.76
C GLU B 366 -31.62 18.32 -11.31
N ASP B 367 -32.58 17.46 -11.61
CA ASP B 367 -33.99 17.78 -11.40
C ASP B 367 -34.58 17.11 -10.16
N ALA B 368 -34.12 15.92 -9.79
CA ALA B 368 -34.59 15.30 -8.56
C ALA B 368 -33.59 15.44 -7.40
N HIS B 369 -32.40 15.99 -7.65
CA HIS B 369 -31.37 16.15 -6.63
C HIS B 369 -31.06 14.82 -5.92
N VAL B 370 -31.02 13.75 -6.72
CA VAL B 370 -30.55 12.45 -6.26
C VAL B 370 -29.48 11.98 -7.23
N ALA B 371 -28.32 11.58 -6.69
CA ALA B 371 -27.21 11.10 -7.51
C ALA B 371 -27.19 9.58 -7.53
N VAL B 372 -27.40 9.00 -8.72
CA VAL B 372 -27.17 7.58 -8.97
C VAL B 372 -26.22 7.49 -10.16
N VAL B 373 -25.75 6.27 -10.46
CA VAL B 373 -24.71 6.06 -11.45
C VAL B 373 -25.29 5.27 -12.61
N PRO B 374 -25.17 5.75 -13.85
CA PRO B 374 -25.79 5.04 -14.98
C PRO B 374 -25.05 3.75 -15.32
N GLY B 375 -25.80 2.81 -15.88
CA GLY B 375 -25.21 1.53 -16.27
C GLY B 375 -24.08 1.68 -17.26
N SER B 376 -24.12 2.73 -18.09
CA SER B 376 -23.04 2.99 -19.03
C SER B 376 -21.67 3.03 -18.35
N ALA B 377 -21.62 3.54 -17.12
CA ALA B 377 -20.35 3.63 -16.41
C ALA B 377 -19.84 2.27 -15.96
N PHE B 378 -20.69 1.25 -15.93
CA PHE B 378 -20.31 -0.09 -15.53
C PHE B 378 -20.24 -1.06 -16.71
N GLY B 379 -20.54 -0.59 -17.92
CA GLY B 379 -20.44 -1.44 -19.10
C GLY B 379 -21.70 -2.17 -19.50
N LEU B 380 -22.87 -1.76 -19.03
CA LEU B 380 -24.12 -2.40 -19.44
C LEU B 380 -25.27 -1.42 -19.29
N SER B 381 -26.05 -1.24 -20.36
CA SER B 381 -27.17 -0.30 -20.40
C SER B 381 -28.41 -1.01 -20.91
N PRO B 382 -29.62 -0.48 -20.61
CA PRO B 382 -29.92 0.72 -19.81
C PRO B 382 -30.26 0.40 -18.36
N PHE B 383 -29.41 0.85 -17.44
CA PHE B 383 -29.52 0.49 -16.04
C PHE B 383 -29.04 1.68 -15.20
N PHE B 384 -29.25 1.60 -13.88
CA PHE B 384 -28.60 2.54 -12.98
C PHE B 384 -28.43 1.88 -11.61
N ARG B 385 -27.37 2.29 -10.91
CA ARG B 385 -26.99 1.70 -9.64
C ARG B 385 -27.39 2.59 -8.46
N ILE B 386 -27.98 1.98 -7.44
CA ILE B 386 -28.20 2.62 -6.15
C ILE B 386 -27.42 1.82 -5.12
N SER B 387 -26.69 2.52 -4.25
CA SER B 387 -26.16 1.90 -3.03
C SER B 387 -27.13 2.19 -1.89
N TYR B 388 -27.61 1.12 -1.23
CA TYR B 388 -28.53 1.30 -0.13
C TYR B 388 -27.85 1.08 1.23
N ALA B 389 -26.52 1.20 1.28
CA ALA B 389 -25.82 1.23 2.56
C ALA B 389 -25.95 2.63 3.19
N THR B 390 -27.19 3.06 3.37
CA THR B 390 -27.50 4.31 4.07
C THR B 390 -28.79 4.09 4.83
N SER B 391 -29.27 5.16 5.49
CA SER B 391 -30.43 5.03 6.37
C SER B 391 -31.72 4.77 5.59
N GLU B 392 -32.67 4.08 6.24
CA GLU B 392 -33.97 3.87 5.62
C GLU B 392 -34.64 5.20 5.29
N ALA B 393 -34.45 6.20 6.14
CA ALA B 393 -35.11 7.49 5.91
C ALA B 393 -34.57 8.18 4.67
N GLU B 394 -33.25 8.13 4.45
CA GLU B 394 -32.70 8.76 3.25
C GLU B 394 -33.15 8.02 2.00
N LEU B 395 -33.22 6.69 2.07
CA LEU B 395 -33.68 5.92 0.91
C LEU B 395 -35.14 6.24 0.58
N LYS B 396 -36.00 6.33 1.59
CA LYS B 396 -37.41 6.66 1.33
C LYS B 396 -37.54 8.03 0.68
N GLU B 397 -36.80 9.03 1.17
CA GLU B 397 -36.86 10.34 0.56
CA GLU B 397 -36.86 10.34 0.56
C GLU B 397 -36.35 10.31 -0.88
N ALA B 398 -35.27 9.58 -1.13
CA ALA B 398 -34.71 9.51 -2.47
C ALA B 398 -35.67 8.79 -3.42
N LEU B 399 -36.30 7.71 -2.96
CA LEU B 399 -37.28 7.03 -3.78
C LEU B 399 -38.45 7.95 -4.12
N GLU B 400 -38.92 8.75 -3.16
CA GLU B 400 -40.00 9.69 -3.45
C GLU B 400 -39.60 10.67 -4.54
N ARG B 401 -38.37 11.18 -4.48
CA ARG B 401 -37.92 12.14 -5.49
C ARG B 401 -37.74 11.48 -6.85
N ILE B 402 -37.24 10.26 -6.88
CA ILE B 402 -37.08 9.57 -8.16
C ILE B 402 -38.45 9.31 -8.79
N ALA B 403 -39.41 8.85 -8.00
CA ALA B 403 -40.76 8.62 -8.51
C ALA B 403 -41.35 9.90 -9.08
N ALA B 404 -41.29 10.99 -8.31
CA ALA B 404 -41.83 12.27 -8.77
C ALA B 404 -41.19 12.69 -10.09
N ALA B 405 -39.87 12.55 -10.20
CA ALA B 405 -39.20 12.95 -11.44
C ALA B 405 -39.57 12.05 -12.59
N CYS B 406 -39.74 10.75 -12.34
CA CYS B 406 -40.17 9.85 -13.40
C CYS B 406 -41.59 10.16 -13.86
N ASP B 407 -42.47 10.55 -12.93
CA ASP B 407 -43.83 10.89 -13.32
C ASP B 407 -43.90 12.17 -14.15
N ARG B 408 -42.90 13.05 -14.04
CA ARG B 408 -42.87 14.29 -14.82
CA ARG B 408 -42.90 14.28 -14.83
C ARG B 408 -42.40 14.07 -16.25
N LEU B 409 -41.80 12.93 -16.55
CA LEU B 409 -41.43 12.60 -17.93
C LEU B 409 -42.68 12.41 -18.77
N SER B 410 -42.60 12.76 -20.05
CA SER B 410 -43.77 12.52 -20.90
C SER B 410 -43.43 12.03 -22.30
#